data_2WHW
#
_entry.id   2WHW
#
_cell.length_a   60.182
_cell.length_b   109.536
_cell.length_c   153.261
_cell.angle_alpha   90.00
_cell.angle_beta   90.00
_cell.angle_gamma   90.00
#
_symmetry.space_group_name_H-M   'P 21 21 21'
#
loop_
_entity.id
_entity.type
_entity.pdbx_description
1 polymer 'CYTOCHROME P450 MONOOXYGENASE'
2 non-polymer 'PROTOPORPHYRIN IX CONTAINING FE'
3 non-polymer 'CYCLOTRIDECYL 3,4,6-TRIDEOXY-3-(DIMETHYLAMINO)-BETA-D-XYLO-HEXOPYRANOSIDE'
4 non-polymer 'SULFATE ION'
5 water water
#
_entity_poly.entity_id   1
_entity_poly.type   'polypeptide(L)'
_entity_poly.pdbx_seq_one_letter_code
;MGSSHHHHHHSSGLVPAGSHMRRTQQGTTASPPVLDLGALGQDFAADPYPTYARLRAEGPAHRVRTPEGNEVWLVVGYDR
ARAVLADPRFSKDWRNSTTPLTEAEAALNHNMLESDPPRHTRLRKLVAREFTMRRVELLRPRVQEIVDGLVDAMLAAPDG
RADLMESLAWPLPITVISELLGVPEPDRAAFRVWTDAFVFPDDPAQAQTAMAEMSGYLSRLIDSKRGQDGEDLLSALVRT
SDEDGSRLTSEELLGMAHILLVAGHETTVNLIANGMYALLSHPDQLAALRADMTLLDGAVEEMLRYEGPVESATYRFPVE
PVDLDGTVIPAGDTVLVVLADAHRTPERFPDPHRFDIRRDTAGHLAFGHGIHFCIGAPLARLEARIAVRALLERCPDLAL
DVSPGELVWYPNPMIRGLKALPIRWRRGREAGRRTG
;
_entity_poly.pdbx_strand_id   A,B
#
loop_
_chem_comp.id
_chem_comp.type
_chem_comp.name
_chem_comp.formula
1D4 non-polymer 'CYCLOTRIDECYL 3,4,6-TRIDEOXY-3-(DIMETHYLAMINO)-BETA-D-XYLO-HEXOPYRANOSIDE' 'C21 H41 N O3'
HEM non-polymer 'PROTOPORPHYRIN IX CONTAINING FE' 'C34 H32 Fe N4 O4'
SO4 non-polymer 'SULFATE ION' 'O4 S -2'
#
# COMPACT_ATOMS: atom_id res chain seq x y z
N PRO A 32 30.08 -7.68 14.98
CA PRO A 32 28.81 -7.72 14.17
C PRO A 32 29.11 -7.65 12.66
N PRO A 33 28.49 -8.53 11.85
CA PRO A 33 28.81 -8.51 10.43
C PRO A 33 28.27 -7.26 9.67
N VAL A 34 28.86 -6.95 8.53
CA VAL A 34 28.38 -5.89 7.70
C VAL A 34 27.02 -6.27 7.12
N LEU A 35 26.01 -5.43 7.34
CA LEU A 35 24.71 -5.67 6.77
C LEU A 35 24.65 -5.23 5.33
N ASP A 36 24.15 -6.11 4.46
CA ASP A 36 24.08 -5.85 3.04
C ASP A 36 22.69 -5.32 2.66
N LEU A 37 22.63 -4.04 2.32
CA LEU A 37 21.38 -3.38 2.04
C LEU A 37 20.91 -3.78 0.65
N GLY A 38 21.85 -4.08 -0.23
CA GLY A 38 21.55 -4.53 -1.59
C GLY A 38 20.71 -5.81 -1.62
N ALA A 39 21.01 -6.72 -0.69
CA ALA A 39 20.35 -8.01 -0.57
C ALA A 39 18.86 -7.92 -0.23
N LEU A 40 18.30 -6.72 -0.14
CA LEU A 40 16.99 -6.51 0.48
C LEU A 40 15.63 -6.64 -0.25
N GLY A 41 15.38 -6.27 -1.52
CA GLY A 41 16.05 -5.29 -2.35
C GLY A 41 15.85 -3.98 -1.60
N GLN A 42 14.66 -3.37 -1.58
CA GLN A 42 13.69 -3.19 -2.69
C GLN A 42 12.27 -2.53 -2.49
N ASP A 43 11.31 -3.11 -1.77
CA ASP A 43 11.38 -3.55 -0.41
C ASP A 43 12.09 -2.61 0.57
N PHE A 44 13.40 -2.69 0.64
CA PHE A 44 14.15 -1.73 1.42
C PHE A 44 14.12 -0.32 0.79
N ALA A 45 14.06 -0.24 -0.53
CA ALA A 45 13.97 1.08 -1.17
C ALA A 45 12.57 1.70 -1.05
N ALA A 46 11.54 0.87 -0.98
CA ALA A 46 10.17 1.36 -0.74
C ALA A 46 9.92 1.77 0.68
N ASP A 47 10.48 1.01 1.63
CA ASP A 47 10.22 1.20 3.06
C ASP A 47 11.48 0.81 3.87
N PRO A 48 12.47 1.75 3.94
CA PRO A 48 13.72 1.51 4.66
C PRO A 48 13.54 1.60 6.18
N TYR A 49 12.43 2.20 6.61
CA TYR A 49 12.27 2.57 8.02
C TYR A 49 12.45 1.43 9.05
N PRO A 50 11.83 0.25 8.81
CA PRO A 50 12.00 -0.79 9.86
C PRO A 50 13.41 -1.30 9.95
N THR A 51 14.07 -1.33 8.82
CA THR A 51 15.47 -1.70 8.79
C THR A 51 16.27 -0.76 9.69
N TYR A 52 16.08 0.55 9.55
CA TYR A 52 16.86 1.55 10.32
C TYR A 52 16.51 1.51 11.78
N ALA A 53 15.21 1.42 12.07
CA ALA A 53 14.69 1.34 13.44
C ALA A 53 15.26 0.10 14.15
N ARG A 54 15.28 -1.04 13.45
CA ARG A 54 15.99 -2.22 14.00
C ARG A 54 17.46 -1.91 14.31
N LEU A 55 18.18 -1.31 13.36
CA LEU A 55 19.54 -0.86 13.74
C LEU A 55 19.54 0.01 14.97
N ARG A 56 18.61 0.95 15.05
CA ARG A 56 18.71 1.96 16.11
C ARG A 56 18.50 1.33 17.49
N ALA A 57 17.68 0.26 17.55
CA ALA A 57 17.53 -0.47 18.83
C ALA A 57 18.87 -1.04 19.33
N GLU A 58 19.74 -1.54 18.44
CA GLU A 58 21.10 -1.99 18.87
C GLU A 58 22.12 -0.93 19.27
N GLY A 59 22.05 0.22 18.59
CA GLY A 59 22.87 1.36 18.98
C GLY A 59 23.05 2.35 17.83
N PRO A 60 23.85 3.41 18.06
CA PRO A 60 23.89 4.55 17.10
C PRO A 60 24.65 4.29 15.78
N ALA A 61 25.59 3.33 15.72
CA ALA A 61 26.49 3.17 14.51
C ALA A 61 26.67 1.79 13.93
N HIS A 62 26.57 1.63 12.60
CA HIS A 62 26.52 0.33 11.96
C HIS A 62 27.21 0.30 10.58
N ARG A 63 28.03 -0.73 10.38
CA ARG A 63 28.73 -0.96 9.17
C ARG A 63 27.68 -1.56 8.27
N VAL A 64 27.47 -1.00 7.09
CA VAL A 64 26.56 -1.57 6.11
C VAL A 64 27.25 -1.57 4.73
N ARG A 65 26.60 -2.18 3.76
CA ARG A 65 27.08 -2.19 2.39
CA ARG A 65 27.08 -2.15 2.38
C ARG A 65 25.90 -1.65 1.60
N THR A 66 26.10 -0.56 0.86
CA THR A 66 24.97 0.09 0.19
C THR A 66 24.60 -0.76 -1.00
N PRO A 67 23.36 -0.59 -1.53
CA PRO A 67 22.95 -1.35 -2.70
C PRO A 67 23.98 -1.27 -3.84
N GLU A 68 24.65 -0.12 -3.98
CA GLU A 68 25.67 0.01 -5.04
C GLU A 68 27.02 -0.60 -4.66
N GLY A 69 27.17 -1.06 -3.42
CA GLY A 69 28.35 -1.82 -3.07
C GLY A 69 29.43 -1.10 -2.28
N ASN A 70 29.23 0.03 -1.64
CA ASN A 70 30.20 0.83 -0.84
C ASN A 70 30.07 0.46 0.61
N GLU A 71 31.05 0.27 1.24
CA GLU A 71 31.03 0.04 2.68
C GLU A 71 31.09 1.34 3.46
N VAL A 72 30.03 1.64 4.22
CA VAL A 72 29.96 2.88 4.94
C VAL A 72 29.41 2.64 6.29
N TRP A 73 29.49 3.65 7.18
CA TRP A 73 28.76 3.61 8.46
C TRP A 73 27.42 4.35 8.37
N LEU A 74 26.38 3.83 9.02
CA LEU A 74 25.10 4.55 9.22
C LEU A 74 25.06 5.07 10.61
N VAL A 75 24.72 6.35 10.80
CA VAL A 75 24.45 6.84 12.14
C VAL A 75 22.94 7.02 12.22
N VAL A 76 22.31 6.34 13.17
CA VAL A 76 20.81 6.39 13.25
C VAL A 76 20.41 6.95 14.61
N GLY A 77 19.16 7.38 14.78
CA GLY A 77 18.67 7.85 16.08
C GLY A 77 18.79 9.35 16.15
N TYR A 78 17.70 10.03 16.49
CA TYR A 78 17.65 11.50 16.32
C TYR A 78 18.82 12.25 16.97
N ASP A 79 18.98 12.02 18.29
CA ASP A 79 19.91 12.81 19.09
C ASP A 79 21.37 12.66 18.56
N ARG A 80 21.70 11.44 18.21
CA ARG A 80 23.02 11.15 17.77
C ARG A 80 23.19 11.68 16.31
N ALA A 81 22.14 11.57 15.50
CA ALA A 81 22.19 12.11 14.13
C ALA A 81 22.48 13.61 14.15
N ARG A 82 21.71 14.30 14.98
CA ARG A 82 21.82 15.74 15.15
C ARG A 82 23.22 16.13 15.60
N ALA A 83 23.73 15.48 16.65
CA ALA A 83 25.08 15.76 17.12
C ALA A 83 26.14 15.48 16.07
N VAL A 84 26.05 14.36 15.37
CA VAL A 84 27.06 14.07 14.35
C VAL A 84 27.09 15.15 13.17
N LEU A 85 25.91 15.54 12.67
CA LEU A 85 25.76 16.61 11.68
C LEU A 85 26.60 17.86 12.02
N ALA A 86 26.57 18.27 13.29
CA ALA A 86 27.29 19.47 13.71
C ALA A 86 28.70 19.21 14.36
N ASP A 87 29.13 17.96 14.48
CA ASP A 87 30.34 17.64 15.27
C ASP A 87 31.58 17.87 14.37
N PRO A 88 32.42 18.84 14.70
CA PRO A 88 33.62 19.01 13.80
C PRO A 88 34.72 17.89 13.80
N ARG A 89 34.53 16.84 14.59
CA ARG A 89 35.34 15.67 14.49
C ARG A 89 35.00 14.88 13.22
N PHE A 90 33.84 15.16 12.63
CA PHE A 90 33.41 14.59 11.37
C PHE A 90 33.55 15.63 10.24
N SER A 91 34.64 15.50 9.49
CA SER A 91 34.99 16.34 8.37
C SER A 91 34.19 16.06 7.13
N LYS A 92 34.07 17.09 6.30
CA LYS A 92 33.54 16.95 4.95
C LYS A 92 34.60 17.00 3.85
N ASP A 93 35.84 17.21 4.23
CA ASP A 93 36.89 17.41 3.23
C ASP A 93 37.43 16.04 2.80
N TRP A 94 37.45 15.74 1.50
CA TRP A 94 37.98 14.41 1.10
C TRP A 94 39.47 14.12 1.38
N ARG A 95 40.23 15.13 1.72
CA ARG A 95 41.61 14.88 2.13
C ARG A 95 41.65 14.05 3.41
N ASN A 96 40.51 13.99 4.15
CA ASN A 96 40.44 13.28 5.44
C ASN A 96 39.87 11.92 5.31
N SER A 97 39.47 11.63 4.09
CA SER A 97 38.85 10.38 3.83
C SER A 97 39.90 9.39 3.27
N THR A 98 39.73 8.09 3.54
CA THR A 98 40.60 7.07 2.91
C THR A 98 40.03 6.52 1.62
N THR A 99 38.87 7.01 1.17
CA THR A 99 38.28 6.55 -0.07
C THR A 99 38.89 7.31 -1.26
N PRO A 100 39.34 6.57 -2.27
CA PRO A 100 39.80 7.15 -3.52
C PRO A 100 38.67 7.90 -4.35
N LEU A 101 39.03 9.03 -4.95
CA LEU A 101 38.22 9.74 -5.95
C LEU A 101 38.81 9.52 -7.32
N THR A 102 37.92 9.34 -8.29
CA THR A 102 38.28 9.37 -9.68
C THR A 102 38.50 10.84 -10.06
N GLU A 103 39.09 11.01 -11.24
CA GLU A 103 39.44 12.33 -11.73
C GLU A 103 38.19 13.14 -11.97
N ALA A 104 37.13 12.51 -12.47
CA ALA A 104 35.88 13.21 -12.78
C ALA A 104 35.23 13.64 -11.47
N GLU A 105 35.34 12.79 -10.45
CA GLU A 105 34.83 13.20 -9.12
C GLU A 105 35.61 14.33 -8.46
N ALA A 106 36.93 14.25 -8.51
CA ALA A 106 37.76 15.21 -7.82
C ALA A 106 37.59 16.59 -8.46
N ALA A 107 37.22 16.64 -9.72
CA ALA A 107 37.25 17.90 -10.41
C ALA A 107 36.08 18.78 -9.94
N LEU A 108 35.11 18.14 -9.32
CA LEU A 108 33.91 18.85 -8.90
C LEU A 108 33.75 19.05 -7.39
N ASN A 109 34.73 18.62 -6.60
CA ASN A 109 34.63 18.64 -5.14
C ASN A 109 35.20 19.86 -4.42
N HIS A 110 35.60 20.91 -5.15
CA HIS A 110 36.02 22.15 -4.49
C HIS A 110 34.80 23.01 -4.19
N ASN A 111 33.92 22.56 -3.34
CA ASN A 111 32.67 23.29 -3.10
C ASN A 111 32.36 23.33 -1.60
N MET A 112 31.44 24.17 -1.15
CA MET A 112 31.43 24.43 0.29
C MET A 112 30.96 23.17 1.06
N LEU A 113 30.15 22.35 0.41
CA LEU A 113 29.60 21.16 1.08
C LEU A 113 30.68 20.14 1.28
N GLU A 114 31.73 20.19 0.47
CA GLU A 114 32.84 19.21 0.61
C GLU A 114 34.10 19.86 1.15
N SER A 115 33.87 20.78 2.10
N SER A 115 33.91 20.68 2.18
CA SER A 115 34.93 21.51 2.74
CA SER A 115 35.01 21.39 2.76
C SER A 115 34.69 21.61 4.23
C SER A 115 34.68 21.75 4.20
N ASP A 116 35.74 22.00 4.96
CA ASP A 116 35.67 22.43 6.34
C ASP A 116 36.12 23.89 6.42
N PRO A 117 35.89 24.55 7.57
CA PRO A 117 36.53 25.83 7.83
C PRO A 117 38.06 25.64 7.71
N PRO A 118 38.78 26.63 7.20
CA PRO A 118 38.27 27.94 6.82
C PRO A 118 37.71 28.04 5.40
N ARG A 119 38.00 27.06 4.57
CA ARG A 119 37.53 27.13 3.18
C ARG A 119 36.01 27.20 3.12
N HIS A 120 35.35 26.42 3.98
CA HIS A 120 33.88 26.35 3.96
C HIS A 120 33.36 27.74 4.20
N THR A 121 33.96 28.39 5.16
CA THR A 121 33.55 29.72 5.60
C THR A 121 33.64 30.72 4.48
N ARG A 122 34.78 30.68 3.79
CA ARG A 122 35.06 31.69 2.74
C ARG A 122 34.06 31.47 1.58
N LEU A 123 33.86 30.20 1.18
CA LEU A 123 33.04 29.89 -0.02
C LEU A 123 31.61 30.26 0.21
N ARG A 124 31.13 29.94 1.44
CA ARG A 124 29.69 30.17 1.70
C ARG A 124 29.42 31.65 1.75
N LYS A 125 30.35 32.43 2.31
CA LYS A 125 30.16 33.88 2.39
C LYS A 125 29.98 34.54 1.04
N LEU A 126 30.59 33.95 0.00
CA LEU A 126 30.46 34.50 -1.34
C LEU A 126 29.01 34.55 -1.87
N VAL A 127 28.19 33.58 -1.41
CA VAL A 127 26.81 33.53 -1.94
C VAL A 127 25.76 33.65 -0.88
N ALA A 128 26.14 33.75 0.41
CA ALA A 128 25.09 33.76 1.45
C ALA A 128 23.96 34.77 1.22
N ARG A 129 24.35 35.93 0.70
CA ARG A 129 23.45 37.05 0.52
C ARG A 129 22.38 36.82 -0.56
N GLU A 130 22.69 36.04 -1.59
CA GLU A 130 21.76 35.62 -2.61
C GLU A 130 20.62 34.73 -2.13
N PHE A 131 20.76 34.09 -0.97
CA PHE A 131 19.82 33.04 -0.57
C PHE A 131 19.12 33.33 0.74
N THR A 132 19.24 34.58 1.23
CA THR A 132 18.51 34.88 2.46
C THR A 132 16.98 34.84 2.18
N MET A 133 16.17 34.87 3.23
CA MET A 133 14.71 34.90 3.02
C MET A 133 14.27 36.17 2.27
N ARG A 134 14.81 37.30 2.68
CA ARG A 134 14.37 38.57 2.04
C ARG A 134 14.79 38.61 0.58
N ARG A 135 15.97 38.07 0.22
CA ARG A 135 16.36 38.07 -1.22
C ARG A 135 15.54 37.06 -2.03
N VAL A 136 15.32 35.90 -1.40
CA VAL A 136 14.47 34.89 -2.06
C VAL A 136 13.00 35.35 -2.22
N GLU A 137 12.50 36.15 -1.27
CA GLU A 137 11.13 36.63 -1.37
C GLU A 137 10.91 37.40 -2.66
N LEU A 138 11.92 38.15 -3.13
CA LEU A 138 11.82 38.85 -4.42
C LEU A 138 11.61 37.95 -5.61
N LEU A 139 11.94 36.66 -5.49
CA LEU A 139 11.66 35.73 -6.60
C LEU A 139 10.22 35.30 -6.62
N ARG A 140 9.44 35.68 -5.62
CA ARG A 140 8.10 35.11 -5.51
C ARG A 140 7.23 35.34 -6.79
N PRO A 141 7.16 36.61 -7.30
CA PRO A 141 6.33 36.77 -8.50
C PRO A 141 6.75 35.86 -9.62
N ARG A 142 8.04 35.65 -9.79
CA ARG A 142 8.47 34.84 -10.90
C ARG A 142 8.25 33.34 -10.66
N VAL A 143 8.47 32.90 -9.43
CA VAL A 143 8.14 31.51 -9.09
C VAL A 143 6.61 31.27 -9.26
N GLN A 144 5.80 32.21 -8.81
CA GLN A 144 4.36 32.08 -9.01
C GLN A 144 4.03 31.96 -10.52
N GLU A 145 4.64 32.77 -11.34
CA GLU A 145 4.40 32.69 -12.77
C GLU A 145 4.76 31.30 -13.37
N ILE A 146 5.91 30.75 -12.97
CA ILE A 146 6.39 29.48 -13.50
C ILE A 146 5.40 28.36 -13.12
N VAL A 147 4.94 28.39 -11.87
CA VAL A 147 4.01 27.43 -11.38
C VAL A 147 2.67 27.55 -12.17
N ASP A 148 2.17 28.78 -12.27
CA ASP A 148 0.88 29.04 -12.93
C ASP A 148 0.92 28.43 -14.33
N GLY A 149 2.06 28.51 -15.00
CA GLY A 149 2.16 28.05 -16.38
C GLY A 149 2.31 26.55 -16.48
N LEU A 150 2.98 25.95 -15.52
CA LEU A 150 3.18 24.52 -15.57
C LEU A 150 1.85 23.79 -15.29
N VAL A 151 1.05 24.38 -14.42
CA VAL A 151 -0.25 23.84 -14.01
C VAL A 151 -1.28 24.10 -15.14
N ASP A 152 -1.25 25.31 -15.73
CA ASP A 152 -2.01 25.62 -16.96
C ASP A 152 -1.83 24.49 -17.94
N ALA A 153 -0.57 24.23 -18.32
CA ALA A 153 -0.26 23.16 -19.26
C ALA A 153 -0.69 21.74 -18.74
N MET A 154 -0.60 21.52 -17.44
CA MET A 154 -0.89 20.18 -16.93
C MET A 154 -2.41 19.96 -17.09
N LEU A 155 -3.19 20.98 -16.79
CA LEU A 155 -4.62 20.91 -16.77
C LEU A 155 -5.28 20.84 -18.14
N ALA A 156 -4.55 21.13 -19.22
CA ALA A 156 -5.03 20.90 -20.57
C ALA A 156 -5.08 19.42 -20.96
N ALA A 157 -4.50 18.53 -20.14
CA ALA A 157 -4.59 17.10 -20.42
C ALA A 157 -6.07 16.66 -20.63
N PRO A 158 -6.35 16.01 -21.78
CA PRO A 158 -7.77 15.75 -22.07
C PRO A 158 -8.33 14.65 -21.11
N ASP A 159 -7.57 13.58 -20.82
CA ASP A 159 -8.04 12.59 -19.81
C ASP A 159 -8.03 13.04 -18.30
N GLY A 160 -7.52 14.23 -18.00
CA GLY A 160 -7.51 14.69 -16.60
C GLY A 160 -6.50 13.93 -15.70
N ARG A 161 -5.52 13.33 -16.34
CA ARG A 161 -4.48 12.58 -15.73
C ARG A 161 -3.08 13.21 -16.03
N ALA A 162 -2.16 13.07 -15.10
CA ALA A 162 -0.74 13.36 -15.38
C ALA A 162 0.14 12.63 -14.40
N ASP A 163 1.43 12.59 -14.76
CA ASP A 163 2.49 12.35 -13.82
C ASP A 163 2.98 13.69 -13.26
N LEU A 164 2.71 13.90 -11.96
CA LEU A 164 3.02 15.18 -11.30
C LEU A 164 4.53 15.56 -11.36
N MET A 165 5.36 14.57 -11.54
CA MET A 165 6.78 14.78 -11.51
C MET A 165 7.26 15.35 -12.84
N GLU A 166 6.88 14.71 -13.93
CA GLU A 166 7.10 15.28 -15.23
C GLU A 166 6.47 16.66 -15.39
N SER A 167 5.29 16.88 -14.80
CA SER A 167 4.51 18.09 -15.13
C SER A 167 4.88 19.29 -14.27
N LEU A 168 5.40 19.03 -13.07
CA LEU A 168 5.58 20.14 -12.16
C LEU A 168 6.85 20.01 -11.24
N ALA A 169 7.01 18.90 -10.51
CA ALA A 169 8.06 18.74 -9.53
C ALA A 169 9.46 18.84 -10.15
N TRP A 170 9.72 18.17 -11.26
CA TRP A 170 10.99 18.34 -12.00
CA TRP A 170 10.99 18.37 -11.95
C TRP A 170 11.13 19.75 -12.64
N PRO A 171 10.23 20.14 -13.63
CA PRO A 171 10.54 21.43 -14.31
C PRO A 171 10.61 22.69 -13.40
N LEU A 172 9.73 22.81 -12.41
CA LEU A 172 9.82 23.99 -11.59
C LEU A 172 11.22 24.37 -10.94
N PRO A 173 11.84 23.46 -10.18
CA PRO A 173 13.07 23.81 -9.49
C PRO A 173 14.16 24.04 -10.47
N ILE A 174 14.20 23.23 -11.52
CA ILE A 174 15.11 23.44 -12.61
C ILE A 174 15.04 24.81 -13.23
N THR A 175 13.83 25.26 -13.53
CA THR A 175 13.70 26.56 -14.18
C THR A 175 14.15 27.68 -13.27
N VAL A 176 13.78 27.59 -12.01
CA VAL A 176 14.11 28.64 -11.07
C VAL A 176 15.63 28.75 -10.96
N ILE A 177 16.35 27.64 -10.79
CA ILE A 177 17.77 27.70 -10.49
C ILE A 177 18.59 28.03 -11.75
N SER A 178 18.10 27.57 -12.90
CA SER A 178 18.66 27.91 -14.22
C SER A 178 18.66 29.39 -14.52
N GLU A 179 17.58 30.06 -14.17
CA GLU A 179 17.45 31.46 -14.42
C GLU A 179 18.28 32.23 -13.40
N LEU A 180 18.36 31.77 -12.16
CA LEU A 180 19.25 32.39 -11.17
C LEU A 180 20.74 32.36 -11.57
N LEU A 181 21.22 31.19 -11.98
CA LEU A 181 22.57 30.95 -12.34
C LEU A 181 22.89 31.41 -13.76
N GLY A 182 21.89 31.51 -14.64
CA GLY A 182 22.15 31.88 -16.04
C GLY A 182 22.40 30.67 -16.94
N VAL A 183 21.67 29.58 -16.77
CA VAL A 183 21.88 28.45 -17.72
C VAL A 183 20.91 28.65 -18.84
N PRO A 184 21.38 28.85 -20.09
CA PRO A 184 20.39 29.11 -21.16
C PRO A 184 19.43 27.94 -21.35
N GLU A 185 18.19 28.27 -21.66
CA GLU A 185 17.12 27.28 -21.84
C GLU A 185 17.44 26.06 -22.73
N PRO A 186 18.00 26.26 -23.96
CA PRO A 186 18.36 25.12 -24.80
C PRO A 186 19.38 24.17 -24.17
N ASP A 187 20.16 24.65 -23.17
CA ASP A 187 21.16 23.80 -22.52
C ASP A 187 20.55 22.91 -21.45
N ARG A 188 19.36 23.23 -21.01
CA ARG A 188 18.88 22.58 -19.82
C ARG A 188 18.57 21.09 -19.96
N ALA A 189 18.10 20.67 -21.13
CA ALA A 189 17.64 19.26 -21.28
C ALA A 189 18.82 18.31 -21.15
N ALA A 190 19.90 18.61 -21.86
CA ALA A 190 21.15 17.87 -21.67
C ALA A 190 21.59 17.90 -20.23
N PHE A 191 21.62 19.10 -19.67
CA PHE A 191 22.02 19.24 -18.29
C PHE A 191 21.27 18.25 -17.41
N ARG A 192 19.98 18.12 -17.63
CA ARG A 192 19.18 17.25 -16.79
C ARG A 192 19.60 15.78 -16.90
N VAL A 193 19.83 15.31 -18.12
CA VAL A 193 20.25 13.92 -18.31
C VAL A 193 21.51 13.60 -17.47
N TRP A 194 22.51 14.48 -17.51
CA TRP A 194 23.75 14.26 -16.73
C TRP A 194 23.42 14.15 -15.25
N THR A 195 22.83 15.20 -14.71
CA THR A 195 22.51 15.24 -13.29
C THR A 195 21.56 14.08 -12.81
N ASP A 196 20.88 13.40 -13.73
CA ASP A 196 20.21 12.16 -13.35
C ASP A 196 21.24 11.04 -13.38
N ALA A 197 22.01 11.02 -14.47
CA ALA A 197 22.89 9.90 -14.78
C ALA A 197 23.86 9.58 -13.67
N PHE A 198 24.11 10.52 -12.76
CA PHE A 198 25.10 10.27 -11.74
C PHE A 198 24.62 10.47 -10.30
N VAL A 199 23.43 11.08 -10.15
CA VAL A 199 22.68 11.03 -8.88
C VAL A 199 21.99 9.64 -8.75
N PHE A 200 21.39 9.16 -9.84
CA PHE A 200 20.75 7.85 -9.88
C PHE A 200 21.39 7.02 -11.01
N PRO A 201 22.64 6.52 -10.84
CA PRO A 201 23.35 5.78 -11.91
C PRO A 201 22.63 4.57 -12.57
N ASP A 202 22.78 3.38 -11.98
CA ASP A 202 22.35 2.12 -12.63
C ASP A 202 23.52 1.47 -13.41
N ASP A 203 24.56 2.26 -13.69
CA ASP A 203 25.80 1.80 -14.33
CA ASP A 203 25.80 1.79 -14.30
C ASP A 203 26.92 2.79 -14.02
N PRO A 204 27.99 2.33 -13.36
CA PRO A 204 29.11 3.17 -12.95
C PRO A 204 29.89 3.94 -13.99
N ALA A 205 30.20 3.36 -15.15
CA ALA A 205 30.92 4.10 -16.15
C ALA A 205 30.12 5.31 -16.71
N GLN A 206 28.80 5.15 -16.79
CA GLN A 206 27.87 6.19 -17.24
C GLN A 206 27.91 7.37 -16.28
N ALA A 207 27.87 7.09 -14.98
CA ALA A 207 27.96 8.13 -13.97
C ALA A 207 29.24 8.97 -14.15
N GLN A 208 30.39 8.32 -14.37
CA GLN A 208 31.69 8.98 -14.61
C GLN A 208 31.71 9.89 -15.85
N THR A 209 31.28 9.31 -16.96
CA THR A 209 31.09 10.05 -18.24
C THR A 209 30.23 11.26 -18.10
N ALA A 210 29.10 11.12 -17.40
CA ALA A 210 28.22 12.22 -17.17
C ALA A 210 28.90 13.30 -16.33
N MET A 211 29.62 12.89 -15.29
CA MET A 211 30.31 13.87 -14.47
C MET A 211 31.35 14.62 -15.29
N ALA A 212 32.14 13.90 -16.08
CA ALA A 212 33.10 14.50 -16.99
C ALA A 212 32.43 15.46 -17.96
N GLU A 213 31.29 15.09 -18.54
CA GLU A 213 30.59 15.99 -19.47
C GLU A 213 29.99 17.23 -18.83
N MET A 214 29.43 17.06 -17.64
CA MET A 214 28.82 18.16 -16.90
C MET A 214 29.90 19.16 -16.57
N SER A 215 31.03 18.65 -16.17
CA SER A 215 32.14 19.48 -15.83
C SER A 215 32.69 20.25 -17.08
N GLY A 216 32.83 19.54 -18.20
CA GLY A 216 33.17 20.23 -19.46
C GLY A 216 32.17 21.31 -19.84
N TYR A 217 30.85 21.01 -19.79
CA TYR A 217 29.79 21.99 -20.04
C TYR A 217 29.88 23.26 -19.12
N LEU A 218 30.09 23.05 -17.81
CA LEU A 218 30.04 24.15 -16.84
C LEU A 218 31.25 25.04 -17.10
N SER A 219 32.43 24.46 -17.37
CA SER A 219 33.55 25.24 -17.76
C SER A 219 33.29 26.12 -18.96
N ARG A 220 32.67 25.58 -20.02
CA ARG A 220 32.35 26.40 -21.19
CA ARG A 220 32.35 26.40 -21.19
C ARG A 220 31.29 27.44 -20.90
N LEU A 221 30.27 27.06 -20.14
CA LEU A 221 29.30 28.07 -19.70
C LEU A 221 29.98 29.22 -18.95
N ILE A 222 30.89 28.88 -18.03
CA ILE A 222 31.61 29.86 -17.23
C ILE A 222 32.37 30.77 -18.12
N ASP A 223 33.10 30.19 -19.08
CA ASP A 223 33.87 30.97 -20.06
C ASP A 223 33.00 31.87 -20.90
N SER A 224 31.84 31.36 -21.29
CA SER A 224 30.90 32.17 -22.05
C SER A 224 30.40 33.44 -21.35
N LYS A 225 30.43 33.46 -20.02
CA LYS A 225 30.06 34.67 -19.34
C LYS A 225 31.14 35.74 -19.35
N ARG A 226 32.44 35.40 -19.47
CA ARG A 226 33.50 36.42 -19.32
C ARG A 226 33.34 37.57 -20.26
N GLY A 227 33.34 38.76 -19.68
CA GLY A 227 33.31 40.00 -20.45
C GLY A 227 31.99 40.34 -21.12
N GLN A 228 30.90 39.61 -20.76
CA GLN A 228 29.52 39.88 -21.24
C GLN A 228 28.64 40.74 -20.37
N ASP A 229 29.17 41.16 -19.21
CA ASP A 229 28.47 42.03 -18.29
C ASP A 229 27.11 41.48 -17.89
N GLY A 230 26.97 40.18 -17.78
CA GLY A 230 25.69 39.59 -17.28
C GLY A 230 25.51 39.88 -15.78
N GLU A 231 24.26 39.86 -15.37
CA GLU A 231 23.92 40.14 -13.99
C GLU A 231 23.37 38.92 -13.24
N ASP A 232 23.37 37.75 -13.89
CA ASP A 232 22.97 36.53 -13.23
C ASP A 232 24.11 36.12 -12.24
N LEU A 233 23.82 35.18 -11.35
CA LEU A 233 24.73 34.83 -10.29
C LEU A 233 26.11 34.27 -10.79
N LEU A 234 26.08 33.46 -11.82
CA LEU A 234 27.29 32.89 -12.36
C LEU A 234 28.19 33.99 -12.94
N SER A 235 27.61 34.95 -13.67
CA SER A 235 28.39 36.09 -14.22
C SER A 235 29.06 36.83 -13.05
N ALA A 236 28.32 37.02 -11.96
CA ALA A 236 28.87 37.72 -10.79
C ALA A 236 30.05 36.93 -10.18
N LEU A 237 29.92 35.60 -10.07
CA LEU A 237 30.96 34.73 -9.49
C LEU A 237 32.17 34.70 -10.44
N VAL A 238 31.92 34.68 -11.77
CA VAL A 238 33.02 34.76 -12.71
C VAL A 238 33.83 36.04 -12.48
N ARG A 239 33.17 37.19 -12.37
CA ARG A 239 33.91 38.44 -12.06
C ARG A 239 34.68 38.41 -10.75
N THR A 240 34.06 37.92 -9.68
CA THR A 240 34.77 37.73 -8.40
C THR A 240 36.03 36.94 -8.56
N SER A 241 35.95 35.81 -9.21
CA SER A 241 37.09 34.98 -9.45
C SER A 241 38.14 35.63 -10.36
N ASP A 242 37.73 36.30 -11.42
CA ASP A 242 38.73 36.92 -12.30
C ASP A 242 39.36 38.17 -11.59
N GLU A 243 38.63 38.79 -10.67
CA GLU A 243 39.25 39.96 -10.01
C GLU A 243 40.32 39.51 -8.98
N ASP A 244 40.11 38.34 -8.37
CA ASP A 244 41.01 37.83 -7.33
C ASP A 244 40.84 36.31 -7.16
N GLY A 245 41.76 35.59 -7.80
CA GLY A 245 41.71 34.16 -7.89
C GLY A 245 42.04 33.54 -6.54
N SER A 246 42.54 34.32 -5.56
CA SER A 246 42.62 33.71 -4.22
C SER A 246 41.30 33.81 -3.43
N ARG A 247 40.39 34.72 -3.79
CA ARG A 247 39.07 34.68 -3.14
C ARG A 247 38.20 33.55 -3.68
N LEU A 248 38.35 33.19 -4.97
CA LEU A 248 37.54 32.15 -5.59
C LEU A 248 38.36 31.61 -6.75
N THR A 249 38.92 30.42 -6.60
CA THR A 249 39.75 29.84 -7.63
C THR A 249 38.95 29.33 -8.79
N SER A 250 39.59 29.03 -9.91
CA SER A 250 38.76 28.59 -11.02
C SER A 250 38.16 27.19 -10.73
N GLU A 251 38.88 26.37 -9.98
CA GLU A 251 38.31 25.06 -9.55
CA GLU A 251 38.35 25.08 -9.57
C GLU A 251 37.12 25.28 -8.63
N GLU A 252 37.19 26.28 -7.75
CA GLU A 252 36.12 26.57 -6.78
C GLU A 252 34.90 27.18 -7.46
N LEU A 253 35.16 28.00 -8.46
CA LEU A 253 34.13 28.56 -9.31
C LEU A 253 33.36 27.46 -10.06
N LEU A 254 34.06 26.53 -10.68
CA LEU A 254 33.33 25.40 -11.27
C LEU A 254 32.60 24.64 -10.14
N GLY A 255 33.25 24.44 -9.01
CA GLY A 255 32.54 23.65 -7.96
C GLY A 255 31.27 24.29 -7.45
N MET A 256 31.27 25.62 -7.41
CA MET A 256 30.17 26.43 -6.90
C MET A 256 28.98 26.39 -7.92
N ALA A 257 29.29 26.52 -9.20
CA ALA A 257 28.22 26.44 -10.19
C ALA A 257 27.67 25.01 -10.07
N HIS A 258 28.53 24.01 -9.94
CA HIS A 258 28.02 22.61 -9.90
C HIS A 258 27.09 22.35 -8.72
N ILE A 259 27.57 22.67 -7.51
CA ILE A 259 26.77 22.39 -6.32
C ILE A 259 25.46 23.18 -6.29
N LEU A 260 25.43 24.40 -6.79
CA LEU A 260 24.21 25.15 -6.72
C LEU A 260 23.19 24.59 -7.73
N LEU A 261 23.68 24.18 -8.90
CA LEU A 261 22.82 23.58 -9.91
C LEU A 261 22.27 22.16 -9.61
N VAL A 262 23.11 21.25 -9.13
N VAL A 262 23.08 21.25 -9.10
CA VAL A 262 22.65 19.91 -8.78
CA VAL A 262 22.57 19.92 -8.83
C VAL A 262 21.63 19.96 -7.63
C VAL A 262 21.71 19.83 -7.54
N ALA A 263 21.96 20.70 -6.56
CA ALA A 263 21.05 20.84 -5.41
C ALA A 263 19.71 21.42 -5.91
N GLY A 264 19.76 22.43 -6.80
CA GLY A 264 18.55 22.92 -7.51
C GLY A 264 17.84 21.89 -8.43
N HIS A 265 18.52 20.81 -8.78
CA HIS A 265 17.90 19.82 -9.63
C HIS A 265 17.26 18.67 -8.85
N GLU A 266 17.66 18.36 -7.63
CA GLU A 266 17.33 17.01 -7.09
C GLU A 266 16.83 16.92 -5.64
N THR A 267 16.42 18.01 -5.08
CA THR A 267 16.02 17.97 -3.71
C THR A 267 14.58 18.40 -3.68
N THR A 268 14.35 19.62 -4.15
CA THR A 268 12.97 20.20 -4.15
C THR A 268 11.99 19.38 -4.97
N VAL A 269 12.50 18.77 -6.03
CA VAL A 269 11.72 17.89 -6.87
C VAL A 269 11.05 16.89 -5.94
N ASN A 270 11.83 16.30 -5.06
CA ASN A 270 11.34 15.22 -4.29
C ASN A 270 10.57 15.69 -3.10
N LEU A 271 10.81 16.94 -2.69
CA LEU A 271 10.00 17.50 -1.63
C LEU A 271 8.59 17.65 -2.14
N ILE A 272 8.44 18.23 -3.35
CA ILE A 272 7.12 18.39 -3.95
C ILE A 272 6.37 17.03 -4.17
N ALA A 273 7.11 16.05 -4.67
CA ALA A 273 6.53 14.74 -5.06
C ALA A 273 6.17 13.91 -3.86
N ASN A 274 7.15 13.72 -2.97
CA ASN A 274 6.91 13.07 -1.72
C ASN A 274 5.83 13.73 -0.91
N GLY A 275 5.83 15.06 -0.88
CA GLY A 275 4.87 15.74 -0.04
C GLY A 275 3.44 15.65 -0.57
N MET A 276 3.31 15.76 -1.90
CA MET A 276 2.00 15.64 -2.49
C MET A 276 1.53 14.17 -2.34
N TYR A 277 2.47 13.25 -2.34
CA TYR A 277 2.16 11.86 -2.12
C TYR A 277 1.65 11.71 -0.69
N ALA A 278 2.32 12.34 0.28
CA ALA A 278 1.84 12.25 1.64
C ALA A 278 0.42 12.78 1.76
N LEU A 279 0.15 13.90 1.13
CA LEU A 279 -1.18 14.48 1.23
C LEU A 279 -2.27 13.59 0.55
N LEU A 280 -1.98 13.07 -0.64
CA LEU A 280 -2.94 12.33 -1.42
C LEU A 280 -3.19 10.94 -0.85
N SER A 281 -2.28 10.48 0.01
CA SER A 281 -2.40 9.15 0.58
C SER A 281 -2.85 9.29 2.02
N HIS A 282 -3.02 10.52 2.52
CA HIS A 282 -3.61 10.76 3.88
C HIS A 282 -4.77 11.73 3.74
N PRO A 283 -5.84 11.23 3.12
CA PRO A 283 -6.96 11.98 2.61
C PRO A 283 -7.57 12.88 3.67
N ASP A 284 -7.54 12.45 4.94
CA ASP A 284 -8.03 13.28 6.07
C ASP A 284 -7.09 14.50 6.31
N GLN A 285 -5.79 14.37 5.96
CA GLN A 285 -4.91 15.55 6.11
C GLN A 285 -5.14 16.46 4.92
N LEU A 286 -5.30 15.91 3.72
CA LEU A 286 -5.60 16.74 2.60
C LEU A 286 -6.86 17.59 2.80
N ALA A 287 -7.90 17.01 3.38
CA ALA A 287 -9.17 17.71 3.59
C ALA A 287 -8.98 18.79 4.61
N ALA A 288 -8.24 18.50 5.68
CA ALA A 288 -7.99 19.52 6.72
C ALA A 288 -7.26 20.74 6.12
N LEU A 289 -6.36 20.46 5.18
CA LEU A 289 -5.63 21.53 4.60
C LEU A 289 -6.53 22.29 3.62
N ARG A 290 -7.33 21.57 2.84
CA ARG A 290 -8.31 22.23 1.95
C ARG A 290 -9.21 23.18 2.78
N ALA A 291 -9.73 22.66 3.89
CA ALA A 291 -10.62 23.42 4.81
C ALA A 291 -9.97 24.66 5.46
N ASP A 292 -8.65 24.61 5.68
CA ASP A 292 -7.96 25.75 6.21
C ASP A 292 -6.58 25.92 5.57
N MET A 293 -6.53 26.66 4.48
CA MET A 293 -5.24 26.84 3.79
C MET A 293 -4.16 27.56 4.58
N THR A 294 -4.49 28.11 5.75
CA THR A 294 -3.49 28.76 6.59
C THR A 294 -2.56 27.69 7.22
N LEU A 295 -2.97 26.43 7.11
CA LEU A 295 -2.15 25.32 7.65
C LEU A 295 -0.97 24.92 6.70
N LEU A 296 -0.86 25.62 5.58
CA LEU A 296 0.00 25.20 4.47
C LEU A 296 1.49 25.17 4.83
N ASP A 297 2.02 26.24 5.41
CA ASP A 297 3.45 26.27 5.83
C ASP A 297 3.78 25.11 6.76
N GLY A 298 2.95 24.88 7.77
CA GLY A 298 3.12 23.77 8.71
C GLY A 298 2.92 22.43 8.03
N ALA A 299 2.06 22.38 7.02
CA ALA A 299 2.00 21.12 6.22
C ALA A 299 3.29 20.81 5.43
N VAL A 300 3.89 21.84 4.86
CA VAL A 300 5.16 21.65 4.19
C VAL A 300 6.28 21.21 5.17
N GLU A 301 6.37 21.77 6.37
CA GLU A 301 7.34 21.25 7.32
C GLU A 301 7.13 19.78 7.63
N GLU A 302 5.87 19.34 7.66
CA GLU A 302 5.60 17.99 8.05
C GLU A 302 5.86 17.11 6.85
N MET A 303 5.83 17.66 5.65
CA MET A 303 6.32 16.87 4.52
C MET A 303 7.82 16.60 4.65
N LEU A 304 8.61 17.59 5.09
CA LEU A 304 10.05 17.48 5.30
C LEU A 304 10.32 16.50 6.43
N ARG A 305 9.54 16.60 7.45
CA ARG A 305 9.75 15.78 8.62
C ARG A 305 9.40 14.31 8.30
N TYR A 306 8.25 14.11 7.68
CA TYR A 306 7.69 12.76 7.48
C TYR A 306 8.40 11.98 6.34
N GLU A 307 8.61 12.68 5.22
CA GLU A 307 9.27 12.08 4.10
C GLU A 307 10.10 13.08 3.28
N GLY A 308 11.10 13.68 3.90
CA GLY A 308 11.95 14.63 3.20
C GLY A 308 12.75 13.96 2.08
N PRO A 309 13.21 14.74 1.10
CA PRO A 309 13.95 14.14 0.01
C PRO A 309 15.29 13.56 0.45
N VAL A 310 15.85 14.03 1.58
CA VAL A 310 17.14 13.54 1.93
C VAL A 310 17.07 12.43 2.93
N GLU A 311 17.37 11.22 2.53
CA GLU A 311 17.21 10.07 3.41
C GLU A 311 18.46 9.93 4.35
N SER A 312 19.66 10.15 3.78
CA SER A 312 20.91 10.25 4.55
C SER A 312 21.72 11.46 4.08
N ALA A 313 22.44 12.10 4.99
CA ALA A 313 23.21 13.31 4.69
C ALA A 313 24.47 12.95 3.87
N THR A 314 25.20 13.93 3.39
CA THR A 314 26.37 13.60 2.53
C THR A 314 27.56 13.13 3.36
N TYR A 315 28.59 12.63 2.69
CA TYR A 315 29.65 11.85 3.41
C TYR A 315 30.35 12.64 4.48
N ARG A 316 30.65 12.02 5.62
CA ARG A 316 31.44 12.65 6.66
C ARG A 316 32.60 11.65 6.95
N PHE A 317 33.75 12.20 7.31
CA PHE A 317 34.96 11.43 7.58
C PHE A 317 35.52 11.83 8.92
N PRO A 318 35.59 10.90 9.86
CA PRO A 318 36.21 11.23 11.17
C PRO A 318 37.70 11.57 10.98
N VAL A 319 38.10 12.69 11.52
CA VAL A 319 39.49 13.15 11.46
C VAL A 319 40.38 12.31 12.37
N GLU A 320 39.82 11.73 13.45
CA GLU A 320 40.54 10.86 14.35
C GLU A 320 39.50 9.75 14.59
N PRO A 321 39.87 8.63 15.25
CA PRO A 321 38.80 7.67 15.56
C PRO A 321 37.75 8.24 16.52
N VAL A 322 36.50 7.90 16.26
CA VAL A 322 35.43 8.46 17.05
C VAL A 322 34.65 7.32 17.69
N ASP A 323 34.49 7.37 19.00
CA ASP A 323 33.79 6.34 19.77
C ASP A 323 32.31 6.76 19.99
N LEU A 324 31.38 5.98 19.47
CA LEU A 324 29.93 6.25 19.64
C LEU A 324 29.31 5.12 20.49
N ASP A 325 29.11 5.36 21.79
CA ASP A 325 28.66 4.32 22.77
C ASP A 325 29.37 2.99 22.60
N GLY A 326 30.70 3.05 22.69
CA GLY A 326 31.53 1.87 22.56
C GLY A 326 31.75 1.39 21.16
N THR A 327 31.01 1.89 20.17
CA THR A 327 31.33 1.51 18.80
C THR A 327 32.33 2.57 18.30
N VAL A 328 33.53 2.15 17.90
CA VAL A 328 34.57 3.11 17.54
C VAL A 328 34.64 3.24 16.03
N ILE A 329 34.57 4.47 15.51
CA ILE A 329 34.64 4.63 14.02
C ILE A 329 36.02 5.12 13.61
N PRO A 330 36.73 4.36 12.76
CA PRO A 330 38.14 4.69 12.41
C PRO A 330 38.29 5.98 11.60
N ALA A 331 39.46 6.62 11.75
CA ALA A 331 39.78 7.80 10.97
C ALA A 331 39.59 7.47 9.50
N GLY A 332 38.92 8.38 8.80
CA GLY A 332 38.75 8.29 7.33
C GLY A 332 37.69 7.41 6.78
N ASP A 333 36.95 6.71 7.64
CA ASP A 333 35.86 5.91 7.11
C ASP A 333 34.71 6.88 6.69
N THR A 334 33.82 6.42 5.84
CA THR A 334 32.67 7.17 5.38
C THR A 334 31.54 7.01 6.34
N VAL A 335 30.97 8.14 6.79
CA VAL A 335 29.83 8.06 7.68
C VAL A 335 28.64 8.76 7.08
N LEU A 336 27.51 8.06 7.04
CA LEU A 336 26.24 8.65 6.58
C LEU A 336 25.28 8.85 7.71
N VAL A 337 24.84 10.08 7.91
CA VAL A 337 23.86 10.32 8.96
C VAL A 337 22.44 10.10 8.39
N VAL A 338 21.64 9.22 9.01
CA VAL A 338 20.35 8.82 8.44
C VAL A 338 19.26 9.68 8.94
N LEU A 339 19.02 10.73 8.17
CA LEU A 339 17.99 11.73 8.51
C LEU A 339 16.60 11.08 8.69
N ALA A 340 16.30 10.18 7.77
CA ALA A 340 15.02 9.51 7.73
C ALA A 340 14.72 8.81 9.09
N ASP A 341 15.75 8.27 9.74
CA ASP A 341 15.51 7.45 10.90
C ASP A 341 15.40 8.41 12.04
N ALA A 342 16.15 9.52 11.94
CA ALA A 342 16.07 10.53 12.98
C ALA A 342 14.62 10.99 13.07
N HIS A 343 13.98 11.15 11.93
CA HIS A 343 12.64 11.69 11.84
C HIS A 343 11.55 10.73 12.28
N ARG A 344 11.88 9.44 12.41
CA ARG A 344 10.95 8.43 12.96
C ARG A 344 11.32 8.02 14.40
N THR A 345 12.15 8.80 15.11
CA THR A 345 12.52 8.49 16.49
C THR A 345 11.41 8.98 17.41
N PRO A 346 10.71 8.04 18.10
CA PRO A 346 9.45 8.39 18.78
C PRO A 346 9.66 9.30 19.93
N GLU A 347 10.82 9.16 20.58
CA GLU A 347 11.20 10.02 21.68
C GLU A 347 11.22 11.50 21.28
N ARG A 348 11.48 11.75 19.99
CA ARG A 348 11.59 13.11 19.54
C ARG A 348 10.33 13.57 18.76
N PHE A 349 9.76 12.68 17.95
CA PHE A 349 8.54 12.97 17.19
C PHE A 349 7.46 11.93 17.60
N PRO A 350 6.65 12.24 18.60
CA PRO A 350 5.68 11.16 19.00
C PRO A 350 4.76 10.67 17.88
N ASP A 351 4.41 9.39 17.92
CA ASP A 351 3.55 8.79 16.90
C ASP A 351 4.26 9.02 15.50
N PRO A 352 5.54 8.61 15.41
CA PRO A 352 6.37 9.10 14.27
C PRO A 352 5.84 8.73 12.89
N HIS A 353 5.13 7.60 12.77
CA HIS A 353 4.68 7.16 11.49
C HIS A 353 3.40 7.85 11.07
N ARG A 354 2.85 8.69 11.91
CA ARG A 354 1.70 9.50 11.51
C ARG A 354 2.06 10.83 10.77
N PHE A 355 1.50 11.03 9.61
CA PHE A 355 1.63 12.27 8.93
C PHE A 355 0.54 13.20 9.44
N ASP A 356 0.93 14.20 10.19
CA ASP A 356 -0.02 15.08 10.81
C ASP A 356 0.45 16.51 10.53
N ILE A 357 -0.25 17.23 9.65
CA ILE A 357 0.19 18.61 9.32
C ILE A 357 0.24 19.65 10.45
N ARG A 358 -0.38 19.35 11.57
CA ARG A 358 -0.36 20.26 12.72
C ARG A 358 0.66 19.86 13.77
N ARG A 359 1.45 18.82 13.48
CA ARG A 359 2.48 18.30 14.40
C ARG A 359 3.47 19.45 14.73
N ASP A 360 4.15 19.36 15.87
CA ASP A 360 5.26 20.32 16.15
C ASP A 360 6.49 19.74 15.41
N THR A 361 6.96 20.43 14.37
CA THR A 361 8.06 19.85 13.49
C THR A 361 9.39 20.48 13.81
N ALA A 362 9.36 21.41 14.75
CA ALA A 362 10.55 22.19 15.12
C ALA A 362 11.67 21.23 15.49
N GLY A 363 12.85 21.49 14.92
CA GLY A 363 14.00 20.67 15.17
C GLY A 363 14.24 19.56 14.19
N HIS A 364 13.41 19.50 13.14
CA HIS A 364 13.70 18.44 12.14
C HIS A 364 15.06 18.78 11.44
N LEU A 365 15.62 17.73 10.89
CA LEU A 365 16.94 17.74 10.27
C LEU A 365 16.82 17.60 8.74
N ALA A 366 15.67 17.90 8.13
CA ALA A 366 15.55 17.76 6.65
C ALA A 366 16.56 18.62 5.84
N PHE A 367 16.91 19.79 6.39
CA PHE A 367 17.91 20.74 5.81
C PHE A 367 19.27 20.66 6.52
N GLY A 368 19.44 19.66 7.36
CA GLY A 368 20.73 19.47 7.99
C GLY A 368 20.74 20.19 9.34
N HIS A 369 21.94 20.44 9.83
CA HIS A 369 22.15 21.05 11.13
C HIS A 369 23.64 21.42 11.23
N GLY A 370 23.92 22.63 11.66
CA GLY A 370 25.33 23.01 11.90
C GLY A 370 25.84 23.93 10.80
N ILE A 371 27.18 23.98 10.64
CA ILE A 371 27.69 24.88 9.62
C ILE A 371 27.26 24.65 8.16
N HIS A 372 26.86 23.42 7.83
CA HIS A 372 26.45 23.07 6.48
C HIS A 372 24.93 23.11 6.26
N PHE A 373 24.21 23.65 7.21
CA PHE A 373 22.76 23.71 7.16
C PHE A 373 22.37 24.33 5.83
N CYS A 374 21.38 23.73 5.18
CA CYS A 374 21.00 24.06 3.80
C CYS A 374 20.96 25.54 3.54
N ILE A 375 21.79 26.00 2.60
CA ILE A 375 21.69 27.40 2.18
C ILE A 375 20.49 27.71 1.31
N GLY A 376 19.96 26.68 0.67
CA GLY A 376 18.83 26.92 -0.22
C GLY A 376 17.46 26.79 0.46
N ALA A 377 17.40 26.65 1.80
CA ALA A 377 16.14 26.29 2.43
C ALA A 377 15.04 27.30 2.18
N PRO A 378 15.34 28.65 2.27
CA PRO A 378 14.30 29.62 1.96
C PRO A 378 13.72 29.47 0.55
N LEU A 379 14.59 29.18 -0.40
CA LEU A 379 14.22 29.00 -1.83
C LEU A 379 13.42 27.71 -2.03
N ALA A 380 13.85 26.62 -1.39
CA ALA A 380 13.09 25.35 -1.48
C ALA A 380 11.66 25.48 -0.88
N ARG A 381 11.53 26.18 0.27
CA ARG A 381 10.27 26.34 0.94
C ARG A 381 9.33 27.21 0.08
N LEU A 382 9.89 28.28 -0.52
CA LEU A 382 9.14 29.16 -1.38
C LEU A 382 8.59 28.34 -2.54
N GLU A 383 9.43 27.53 -3.19
CA GLU A 383 8.95 26.76 -4.29
C GLU A 383 7.86 25.76 -3.90
N ALA A 384 8.07 25.08 -2.79
CA ALA A 384 7.22 23.99 -2.44
C ALA A 384 5.89 24.57 -1.99
N ARG A 385 5.91 25.66 -1.19
CA ARG A 385 4.66 26.23 -0.73
C ARG A 385 3.74 26.70 -1.88
N ILE A 386 4.34 27.39 -2.83
CA ILE A 386 3.65 27.85 -4.00
C ILE A 386 3.07 26.68 -4.86
N ALA A 387 3.88 25.65 -5.11
CA ALA A 387 3.45 24.55 -5.94
C ALA A 387 2.29 23.77 -5.29
N VAL A 388 2.35 23.60 -3.95
CA VAL A 388 1.38 22.82 -3.23
C VAL A 388 0.05 23.62 -3.25
N ARG A 389 0.12 24.93 -3.00
CA ARG A 389 -1.07 25.71 -2.90
C ARG A 389 -1.75 25.72 -4.31
N ALA A 390 -0.97 25.85 -5.37
CA ALA A 390 -1.45 25.81 -6.74
C ALA A 390 -2.17 24.46 -7.05
N LEU A 391 -1.58 23.38 -6.61
CA LEU A 391 -2.22 22.10 -6.84
C LEU A 391 -3.60 21.98 -6.16
N LEU A 392 -3.68 22.43 -4.92
CA LEU A 392 -4.90 22.25 -4.17
C LEU A 392 -6.01 23.15 -4.68
N GLU A 393 -5.65 24.40 -5.03
CA GLU A 393 -6.59 25.42 -5.41
C GLU A 393 -7.05 25.17 -6.82
N ARG A 394 -6.23 24.50 -7.61
CA ARG A 394 -6.53 24.42 -9.00
C ARG A 394 -6.92 23.05 -9.49
N CYS A 395 -6.71 22.01 -8.69
CA CYS A 395 -7.11 20.65 -9.08
C CYS A 395 -8.26 20.13 -8.25
N PRO A 396 -9.46 20.23 -8.82
CA PRO A 396 -10.66 19.76 -8.13
C PRO A 396 -10.66 18.25 -8.11
N ASP A 397 -10.91 17.73 -6.91
CA ASP A 397 -10.80 16.33 -6.54
C ASP A 397 -9.45 15.67 -6.96
N LEU A 398 -8.33 16.41 -6.77
CA LEU A 398 -7.00 15.85 -6.99
C LEU A 398 -6.95 14.47 -6.32
N ALA A 399 -6.45 13.49 -7.05
CA ALA A 399 -6.32 12.16 -6.53
C ALA A 399 -5.07 11.48 -6.95
N LEU A 400 -4.59 10.62 -6.08
CA LEU A 400 -3.57 9.70 -6.46
C LEU A 400 -4.16 8.67 -7.47
N ASP A 401 -3.43 8.36 -8.56
CA ASP A 401 -4.03 7.67 -9.68
C ASP A 401 -3.52 6.27 -9.78
N VAL A 402 -2.80 5.81 -8.75
CA VAL A 402 -2.43 4.40 -8.60
C VAL A 402 -2.51 4.13 -7.11
N SER A 403 -2.41 2.89 -6.70
CA SER A 403 -2.44 2.65 -5.31
C SER A 403 -1.01 2.85 -4.84
N PRO A 404 -0.83 3.19 -3.55
CA PRO A 404 0.49 3.37 -3.00
C PRO A 404 1.44 2.24 -3.26
N GLY A 405 0.95 1.00 -3.17
CA GLY A 405 1.75 -0.16 -3.45
C GLY A 405 2.33 -0.22 -4.86
N GLU A 406 1.72 0.46 -5.83
CA GLU A 406 2.25 0.51 -7.21
C GLU A 406 3.31 1.59 -7.44
N LEU A 407 3.57 2.46 -6.45
CA LEU A 407 4.53 3.53 -6.70
C LEU A 407 5.87 2.88 -6.67
N VAL A 408 6.83 3.38 -7.45
CA VAL A 408 8.19 2.88 -7.25
C VAL A 408 9.25 3.93 -6.83
N TRP A 409 10.03 3.59 -5.83
CA TRP A 409 11.02 4.44 -5.23
C TRP A 409 12.40 4.17 -5.82
N TYR A 410 13.16 5.19 -6.16
CA TYR A 410 14.57 4.97 -6.56
C TYR A 410 15.35 4.32 -5.45
N PRO A 411 16.30 3.45 -5.81
CA PRO A 411 17.11 2.79 -4.74
C PRO A 411 18.18 3.60 -3.97
N ASN A 412 18.75 4.67 -4.55
CA ASN A 412 19.76 5.56 -3.85
C ASN A 412 19.52 5.69 -2.32
N PRO A 413 20.50 5.29 -1.49
CA PRO A 413 20.15 5.39 -0.06
C PRO A 413 20.34 6.86 0.51
N MET A 414 20.84 7.78 -0.31
CA MET A 414 20.91 9.16 0.11
C MET A 414 19.58 9.84 -0.18
N ILE A 415 18.91 9.41 -1.27
CA ILE A 415 17.67 10.08 -1.75
C ILE A 415 16.43 9.22 -1.55
N ARG A 416 15.39 9.86 -1.05
CA ARG A 416 14.07 9.28 -0.99
C ARG A 416 13.26 9.94 -2.11
N GLY A 417 13.05 9.23 -3.23
CA GLY A 417 12.49 9.81 -4.39
C GLY A 417 11.68 8.85 -5.24
N LEU A 418 10.58 9.32 -5.78
CA LEU A 418 9.69 8.47 -6.59
C LEU A 418 10.11 8.49 -8.04
N LYS A 419 9.87 7.41 -8.77
CA LYS A 419 10.13 7.45 -10.18
C LYS A 419 9.03 8.26 -10.89
N ALA A 420 7.84 8.25 -10.33
CA ALA A 420 6.69 8.90 -10.98
C ALA A 420 5.60 9.04 -9.94
N LEU A 421 4.76 10.02 -10.10
CA LEU A 421 3.60 10.19 -9.24
C LEU A 421 2.35 10.46 -10.09
N PRO A 422 1.65 9.37 -10.42
CA PRO A 422 0.41 9.49 -11.25
C PRO A 422 -0.65 10.11 -10.43
N ILE A 423 -1.19 11.21 -10.91
CA ILE A 423 -2.31 11.85 -10.32
C ILE A 423 -3.42 11.99 -11.38
N ARG A 424 -4.62 12.33 -10.91
CA ARG A 424 -5.73 12.71 -11.77
C ARG A 424 -6.56 13.71 -11.03
N TRP A 425 -7.46 14.38 -11.74
CA TRP A 425 -8.37 15.32 -11.09
C TRP A 425 -9.70 15.41 -11.89
N ARG A 426 -10.69 16.16 -11.39
CA ARG A 426 -11.98 16.33 -12.12
C ARG A 426 -11.87 17.32 -13.30
N ARG A 427 -12.05 16.83 -14.53
CA ARG A 427 -12.13 17.71 -15.72
C ARG A 427 -13.58 17.92 -16.18
N VAL B 34 0.58 -31.24 -14.78
CA VAL B 34 -0.20 -30.87 -13.56
C VAL B 34 0.54 -29.80 -12.73
N LEU B 35 0.10 -28.56 -12.86
CA LEU B 35 0.66 -27.46 -12.12
C LEU B 35 0.46 -27.67 -10.63
N ASP B 36 1.55 -27.55 -9.88
CA ASP B 36 1.47 -27.74 -8.45
C ASP B 36 1.47 -26.39 -7.76
N LEU B 37 0.35 -26.12 -7.11
CA LEU B 37 0.09 -24.84 -6.48
C LEU B 37 0.72 -24.69 -5.08
N GLY B 38 0.89 -25.80 -4.37
CA GLY B 38 1.75 -25.85 -3.15
C GLY B 38 3.20 -25.42 -3.40
N ALA B 39 3.80 -25.89 -4.49
CA ALA B 39 5.19 -25.55 -4.83
C ALA B 39 5.44 -24.05 -5.17
N LEU B 40 4.38 -23.25 -5.26
CA LEU B 40 4.53 -21.81 -5.48
C LEU B 40 4.61 -21.08 -4.15
N GLY B 41 4.14 -21.74 -3.10
CA GLY B 41 4.26 -21.21 -1.75
C GLY B 41 3.30 -20.07 -1.46
N GLN B 42 3.67 -19.26 -0.46
CA GLN B 42 2.80 -18.19 0.06
C GLN B 42 2.71 -16.99 -0.92
N ASP B 43 3.56 -16.95 -1.93
CA ASP B 43 3.46 -15.90 -2.95
C ASP B 43 2.12 -15.99 -3.68
N PHE B 44 1.71 -17.23 -3.96
CA PHE B 44 0.49 -17.54 -4.66
C PHE B 44 -0.70 -17.25 -3.74
N ALA B 45 -0.62 -17.74 -2.50
CA ALA B 45 -1.63 -17.38 -1.48
C ALA B 45 -1.82 -15.87 -1.33
N ALA B 46 -0.71 -15.14 -1.34
CA ALA B 46 -0.74 -13.66 -1.29
C ALA B 46 -1.25 -13.02 -2.60
N ASP B 47 -0.74 -13.52 -3.73
CA ASP B 47 -1.05 -12.88 -5.01
C ASP B 47 -1.29 -13.95 -6.11
N PRO B 48 -2.49 -14.58 -6.11
CA PRO B 48 -2.66 -15.77 -6.96
C PRO B 48 -3.03 -15.35 -8.37
N TYR B 49 -3.46 -14.11 -8.52
CA TYR B 49 -3.93 -13.63 -9.81
C TYR B 49 -3.04 -13.84 -11.04
N PRO B 50 -1.76 -13.43 -10.97
CA PRO B 50 -0.92 -13.60 -12.16
C PRO B 50 -0.87 -15.04 -12.61
N THR B 51 -0.91 -15.97 -11.67
CA THR B 51 -0.99 -17.42 -11.98
C THR B 51 -2.26 -17.74 -12.74
N TYR B 52 -3.40 -17.28 -12.22
CA TYR B 52 -4.67 -17.62 -12.87
C TYR B 52 -4.74 -16.96 -14.24
N ALA B 53 -4.21 -15.74 -14.35
CA ALA B 53 -4.30 -15.05 -15.64
C ALA B 53 -3.41 -15.73 -16.73
N ARG B 54 -2.24 -16.21 -16.34
CA ARG B 54 -1.41 -17.02 -17.23
C ARG B 54 -2.12 -18.31 -17.71
N LEU B 55 -2.74 -19.09 -16.79
CA LEU B 55 -3.62 -20.21 -17.23
C LEU B 55 -4.69 -19.73 -18.23
N ARG B 56 -5.35 -18.64 -17.92
CA ARG B 56 -6.48 -18.22 -18.74
C ARG B 56 -6.04 -17.87 -20.17
N ALA B 57 -4.82 -17.31 -20.29
CA ALA B 57 -4.21 -17.09 -21.63
C ALA B 57 -4.06 -18.36 -22.44
N GLU B 58 -3.79 -19.50 -21.79
CA GLU B 58 -3.71 -20.82 -22.44
C GLU B 58 -5.03 -21.54 -22.74
N GLY B 59 -6.10 -21.19 -22.02
CA GLY B 59 -7.35 -21.97 -22.15
C GLY B 59 -8.30 -21.89 -20.94
N PRO B 60 -9.51 -22.45 -21.07
CA PRO B 60 -10.49 -22.29 -20.00
C PRO B 60 -10.24 -23.21 -18.81
N ALA B 61 -9.66 -24.40 -19.03
CA ALA B 61 -9.66 -25.46 -18.01
C ALA B 61 -8.27 -26.10 -17.82
N HIS B 62 -7.79 -26.17 -16.59
CA HIS B 62 -6.47 -26.69 -16.31
C HIS B 62 -6.45 -27.58 -15.07
N ARG B 63 -5.71 -28.67 -15.21
CA ARG B 63 -5.50 -29.65 -14.18
C ARG B 63 -4.42 -29.22 -13.19
N VAL B 64 -4.73 -29.15 -11.90
CA VAL B 64 -3.76 -28.69 -10.92
C VAL B 64 -3.81 -29.51 -9.63
N ARG B 65 -2.85 -29.29 -8.76
CA ARG B 65 -2.79 -29.92 -7.43
C ARG B 65 -2.87 -28.78 -6.43
N THR B 66 -3.81 -28.87 -5.48
CA THR B 66 -4.01 -27.75 -4.56
C THR B 66 -2.96 -27.71 -3.49
N PRO B 67 -2.77 -26.55 -2.85
CA PRO B 67 -1.73 -26.59 -1.82
C PRO B 67 -1.85 -27.77 -0.83
N GLU B 68 -3.03 -28.36 -0.74
CA GLU B 68 -3.34 -29.41 0.19
C GLU B 68 -3.19 -30.80 -0.49
N GLY B 69 -2.84 -30.82 -1.77
CA GLY B 69 -2.51 -32.08 -2.43
C GLY B 69 -3.58 -32.79 -3.25
N ASN B 70 -4.64 -32.24 -3.41
CA ASN B 70 -5.77 -32.71 -4.27
C ASN B 70 -5.60 -32.37 -5.76
N GLU B 71 -5.84 -33.29 -6.61
CA GLU B 71 -5.92 -33.01 -8.06
C GLU B 71 -7.32 -32.50 -8.46
N VAL B 72 -7.37 -31.31 -9.05
CA VAL B 72 -8.66 -30.74 -9.41
C VAL B 72 -8.51 -30.00 -10.73
N TRP B 73 -9.63 -29.68 -11.36
CA TRP B 73 -9.62 -28.75 -12.50
C TRP B 73 -10.05 -27.34 -12.09
N LEU B 74 -9.32 -26.34 -12.58
CA LEU B 74 -9.68 -24.96 -12.46
C LEU B 74 -10.29 -24.58 -13.79
N VAL B 75 -11.43 -23.88 -13.73
CA VAL B 75 -12.04 -23.16 -14.81
C VAL B 75 -11.76 -21.66 -14.58
N VAL B 76 -11.11 -21.00 -15.56
CA VAL B 76 -10.70 -19.57 -15.41
C VAL B 76 -11.34 -18.77 -16.54
N GLY B 77 -11.33 -17.44 -16.45
CA GLY B 77 -11.96 -16.60 -17.46
C GLY B 77 -13.44 -16.34 -17.17
N TYR B 78 -13.84 -15.08 -17.30
CA TYR B 78 -15.19 -14.71 -16.94
C TYR B 78 -16.30 -15.51 -17.68
N ASP B 79 -16.26 -15.57 -19.03
CA ASP B 79 -17.37 -16.19 -19.75
C ASP B 79 -17.50 -17.66 -19.43
N ARG B 80 -16.39 -18.35 -19.41
CA ARG B 80 -16.45 -19.75 -19.10
C ARG B 80 -16.87 -20.03 -17.61
N ALA B 81 -16.31 -19.27 -16.67
CA ALA B 81 -16.72 -19.31 -15.25
C ALA B 81 -18.22 -19.15 -15.09
N ARG B 82 -18.77 -18.10 -15.65
CA ARG B 82 -20.20 -17.89 -15.48
C ARG B 82 -21.03 -19.07 -16.03
N ALA B 83 -20.62 -19.55 -17.20
CA ALA B 83 -21.37 -20.60 -17.88
C ALA B 83 -21.27 -21.91 -17.06
N VAL B 84 -20.10 -22.26 -16.60
CA VAL B 84 -19.96 -23.48 -15.87
C VAL B 84 -20.75 -23.47 -14.54
N LEU B 85 -20.75 -22.33 -13.81
CA LEU B 85 -21.51 -22.17 -12.56
C LEU B 85 -22.95 -22.60 -12.71
N ALA B 86 -23.53 -22.25 -13.87
CA ALA B 86 -24.92 -22.52 -14.12
C ALA B 86 -25.20 -23.82 -14.93
N ASP B 87 -24.18 -24.46 -15.46
CA ASP B 87 -24.33 -25.56 -16.40
C ASP B 87 -24.73 -26.86 -15.68
N PRO B 88 -25.92 -27.34 -15.99
CA PRO B 88 -26.39 -28.58 -15.32
C PRO B 88 -25.54 -29.82 -15.66
N ARG B 89 -24.61 -29.72 -16.62
CA ARG B 89 -23.72 -30.85 -16.92
C ARG B 89 -22.72 -31.05 -15.75
N PHE B 90 -22.63 -30.06 -14.85
CA PHE B 90 -21.73 -30.09 -13.74
C PHE B 90 -22.63 -30.13 -12.47
N SER B 91 -22.74 -31.33 -11.93
CA SER B 91 -23.42 -31.66 -10.70
C SER B 91 -22.70 -31.18 -9.42
N LYS B 92 -23.48 -30.93 -8.35
CA LYS B 92 -22.91 -30.68 -7.01
C LYS B 92 -23.16 -31.90 -6.06
N ASP B 93 -23.78 -32.94 -6.62
CA ASP B 93 -24.08 -34.12 -5.87
C ASP B 93 -22.93 -35.12 -5.84
N TRP B 94 -22.49 -35.47 -4.64
CA TRP B 94 -21.28 -36.27 -4.47
C TRP B 94 -21.43 -37.69 -5.04
N ARG B 95 -22.66 -38.12 -5.27
CA ARG B 95 -22.84 -39.38 -6.01
C ARG B 95 -22.30 -39.34 -7.45
N ASN B 96 -22.13 -38.15 -8.04
CA ASN B 96 -21.50 -38.00 -9.37
C ASN B 96 -20.01 -37.74 -9.30
N SER B 97 -19.46 -37.74 -8.09
CA SER B 97 -18.01 -37.65 -7.89
C SER B 97 -17.36 -39.03 -7.79
N THR B 98 -16.17 -39.18 -8.38
CA THR B 98 -15.37 -40.41 -8.16
C THR B 98 -14.53 -40.32 -6.85
N THR B 99 -14.53 -39.18 -6.15
CA THR B 99 -13.79 -39.02 -4.88
C THR B 99 -14.72 -39.42 -3.73
N PRO B 100 -14.36 -40.39 -2.85
CA PRO B 100 -15.37 -40.74 -1.86
C PRO B 100 -15.36 -39.84 -0.59
N LEU B 101 -16.50 -39.79 0.09
CA LEU B 101 -16.64 -38.95 1.29
C LEU B 101 -16.23 -39.74 2.52
N THR B 102 -15.54 -39.10 3.46
CA THR B 102 -15.34 -39.74 4.77
C THR B 102 -16.68 -39.85 5.52
N GLU B 103 -16.76 -40.70 6.52
CA GLU B 103 -18.02 -40.87 7.24
C GLU B 103 -18.40 -39.50 7.87
N ALA B 104 -17.43 -38.73 8.38
CA ALA B 104 -17.73 -37.41 8.96
C ALA B 104 -18.25 -36.39 7.90
N GLU B 105 -17.74 -36.48 6.67
CA GLU B 105 -18.21 -35.59 5.59
C GLU B 105 -19.58 -35.97 5.14
N ALA B 106 -19.79 -37.26 5.01
CA ALA B 106 -21.05 -37.82 4.58
C ALA B 106 -22.23 -37.50 5.52
N ALA B 107 -21.98 -37.33 6.81
CA ALA B 107 -23.05 -37.02 7.73
C ALA B 107 -23.61 -35.63 7.42
N LEU B 108 -22.82 -34.78 6.77
CA LEU B 108 -23.18 -33.38 6.51
C LEU B 108 -23.57 -32.97 5.10
N ASN B 109 -23.40 -33.89 4.14
CA ASN B 109 -23.52 -33.48 2.76
C ASN B 109 -24.97 -33.46 2.26
N HIS B 110 -25.94 -33.72 3.15
CA HIS B 110 -27.32 -33.63 2.67
C HIS B 110 -27.88 -32.21 2.78
N ASN B 111 -27.40 -31.32 1.92
CA ASN B 111 -27.70 -29.89 2.05
C ASN B 111 -27.79 -29.39 0.62
N MET B 112 -28.37 -28.21 0.47
CA MET B 112 -28.82 -27.78 -0.84
C MET B 112 -27.63 -27.50 -1.80
N LEU B 113 -26.51 -27.12 -1.22
CA LEU B 113 -25.32 -26.77 -1.97
C LEU B 113 -24.63 -28.00 -2.52
N GLU B 114 -24.86 -29.13 -1.90
CA GLU B 114 -24.34 -30.39 -2.39
C GLU B 114 -25.43 -31.28 -3.03
N SER B 115 -26.38 -30.67 -3.73
CA SER B 115 -27.48 -31.41 -4.33
CA SER B 115 -27.41 -31.45 -4.37
C SER B 115 -27.77 -30.79 -5.69
N ASP B 116 -28.47 -31.55 -6.51
CA ASP B 116 -28.99 -31.12 -7.75
C ASP B 116 -30.54 -31.20 -7.62
N PRO B 117 -31.28 -30.60 -8.56
CA PRO B 117 -32.69 -30.81 -8.67
C PRO B 117 -32.88 -32.31 -8.82
N PRO B 118 -33.96 -32.89 -8.26
CA PRO B 118 -35.09 -32.27 -7.59
C PRO B 118 -34.78 -31.95 -6.10
N ARG B 119 -33.79 -32.60 -5.53
CA ARG B 119 -33.55 -32.46 -4.11
C ARG B 119 -33.14 -31.03 -3.77
N HIS B 120 -32.24 -30.45 -4.57
CA HIS B 120 -31.92 -29.01 -4.34
C HIS B 120 -33.17 -28.11 -4.30
N THR B 121 -34.07 -28.32 -5.24
CA THR B 121 -35.29 -27.52 -5.34
C THR B 121 -36.15 -27.57 -4.09
N ARG B 122 -36.40 -28.81 -3.67
CA ARG B 122 -37.11 -29.12 -2.44
C ARG B 122 -36.42 -28.46 -1.21
N LEU B 123 -35.10 -28.58 -1.02
CA LEU B 123 -34.47 -28.05 0.20
C LEU B 123 -34.48 -26.54 0.25
N ARG B 124 -34.17 -25.92 -0.89
CA ARG B 124 -34.14 -24.44 -0.91
C ARG B 124 -35.53 -23.84 -0.69
N LYS B 125 -36.58 -24.46 -1.22
CA LYS B 125 -37.96 -24.01 -0.96
C LYS B 125 -38.29 -23.88 0.54
N LEU B 126 -37.71 -24.72 1.39
CA LEU B 126 -38.03 -24.70 2.84
C LEU B 126 -37.58 -23.39 3.59
N VAL B 127 -36.50 -22.78 3.08
CA VAL B 127 -35.94 -21.58 3.69
C VAL B 127 -35.94 -20.35 2.86
N ALA B 128 -36.35 -20.42 1.61
CA ALA B 128 -36.18 -19.23 0.69
C ALA B 128 -36.82 -17.99 1.23
N ARG B 129 -38.03 -18.20 1.75
CA ARG B 129 -38.81 -17.09 2.29
C ARG B 129 -38.07 -16.42 3.44
N GLU B 130 -37.17 -17.10 4.14
CA GLU B 130 -36.49 -16.48 5.32
C GLU B 130 -35.42 -15.48 4.89
N PHE B 131 -35.02 -15.57 3.62
CA PHE B 131 -33.83 -14.80 3.20
C PHE B 131 -34.07 -13.81 2.11
N THR B 132 -35.32 -13.49 1.85
CA THR B 132 -35.58 -12.52 0.79
C THR B 132 -35.13 -11.19 1.29
N MET B 133 -34.95 -10.25 0.36
CA MET B 133 -34.60 -8.90 0.73
C MET B 133 -35.60 -8.27 1.71
N ARG B 134 -36.89 -8.48 1.47
CA ARG B 134 -37.92 -7.91 2.32
C ARG B 134 -37.91 -8.47 3.74
N ARG B 135 -37.69 -9.78 3.86
CA ARG B 135 -37.58 -10.41 5.17
C ARG B 135 -36.30 -10.03 5.92
N VAL B 136 -35.20 -9.92 5.22
CA VAL B 136 -33.89 -9.60 5.85
C VAL B 136 -33.90 -8.13 6.35
N GLU B 137 -34.61 -7.26 5.64
CA GLU B 137 -34.71 -5.86 5.98
C GLU B 137 -35.38 -5.62 7.34
N LEU B 138 -36.21 -6.55 7.82
CA LEU B 138 -36.75 -6.50 9.20
C LEU B 138 -35.64 -6.75 10.23
N LEU B 139 -34.52 -7.31 9.79
CA LEU B 139 -33.39 -7.43 10.69
C LEU B 139 -32.58 -6.14 10.81
N ARG B 140 -32.78 -5.19 9.92
CA ARG B 140 -31.92 -4.02 9.93
C ARG B 140 -31.74 -3.40 11.36
N PRO B 141 -32.86 -3.17 12.13
CA PRO B 141 -32.61 -2.52 13.46
C PRO B 141 -31.73 -3.33 14.38
N ARG B 142 -31.88 -4.65 14.43
CA ARG B 142 -31.04 -5.49 15.25
C ARG B 142 -29.57 -5.47 14.71
N VAL B 143 -29.41 -5.56 13.39
CA VAL B 143 -28.05 -5.63 12.90
C VAL B 143 -27.36 -4.26 13.22
N GLN B 144 -28.08 -3.17 13.03
CA GLN B 144 -27.60 -1.86 13.42
C GLN B 144 -27.15 -1.84 14.90
N GLU B 145 -27.93 -2.46 15.78
CA GLU B 145 -27.64 -2.51 17.20
C GLU B 145 -26.43 -3.37 17.51
N ILE B 146 -26.26 -4.48 16.79
CA ILE B 146 -25.07 -5.32 16.97
C ILE B 146 -23.81 -4.50 16.57
N VAL B 147 -23.86 -3.88 15.40
CA VAL B 147 -22.74 -3.07 14.92
C VAL B 147 -22.46 -1.82 15.86
N ASP B 148 -23.50 -1.07 16.22
CA ASP B 148 -23.38 0.06 17.18
C ASP B 148 -22.60 -0.38 18.41
N GLY B 149 -22.96 -1.51 18.97
CA GLY B 149 -22.34 -1.99 20.22
C GLY B 149 -20.93 -2.50 20.00
N LEU B 150 -20.69 -3.14 18.87
CA LEU B 150 -19.36 -3.65 18.59
C LEU B 150 -18.36 -2.52 18.34
N VAL B 151 -18.83 -1.51 17.64
CA VAL B 151 -18.04 -0.35 17.38
C VAL B 151 -17.79 0.48 18.70
N ASP B 152 -18.83 0.79 19.49
CA ASP B 152 -18.67 1.37 20.84
C ASP B 152 -17.53 0.67 21.54
N ALA B 153 -17.57 -0.65 21.63
CA ALA B 153 -16.52 -1.33 22.38
C ALA B 153 -15.19 -1.15 21.73
N MET B 154 -15.14 -1.18 20.40
CA MET B 154 -13.83 -1.11 19.72
C MET B 154 -13.10 0.22 20.05
N LEU B 155 -13.91 1.28 20.14
CA LEU B 155 -13.49 2.67 20.21
C LEU B 155 -13.07 3.07 21.63
N ALA B 156 -13.35 2.18 22.57
CA ALA B 156 -13.04 2.33 23.98
C ALA B 156 -11.55 2.17 24.22
N ALA B 157 -10.87 1.48 23.27
CA ALA B 157 -9.44 1.27 23.33
C ALA B 157 -8.68 2.62 23.38
N PRO B 158 -7.91 2.85 24.48
CA PRO B 158 -7.23 4.16 24.67
C PRO B 158 -6.15 4.48 23.61
N ASP B 159 -5.35 3.49 23.17
CA ASP B 159 -4.36 3.73 22.09
C ASP B 159 -4.96 3.85 20.71
N GLY B 160 -6.29 3.83 20.61
CA GLY B 160 -7.00 3.99 19.34
C GLY B 160 -6.64 2.91 18.33
N ARG B 161 -6.47 1.67 18.80
CA ARG B 161 -6.09 0.54 17.95
C ARG B 161 -6.94 -0.72 18.19
N ALA B 162 -7.02 -1.59 17.16
CA ALA B 162 -7.82 -2.84 17.17
C ALA B 162 -7.41 -3.69 16.00
N ASP B 163 -7.68 -5.00 16.13
CA ASP B 163 -7.82 -5.91 15.00
C ASP B 163 -9.29 -5.85 14.52
N LEU B 164 -9.52 -5.22 13.39
CA LEU B 164 -10.88 -5.20 12.81
C LEU B 164 -11.59 -6.60 12.79
N MET B 165 -10.85 -7.64 12.50
CA MET B 165 -11.35 -9.02 12.47
CA MET B 165 -11.44 -8.98 12.46
C MET B 165 -11.96 -9.46 13.83
N GLU B 166 -11.13 -9.40 14.88
CA GLU B 166 -11.59 -9.85 16.20
C GLU B 166 -12.64 -8.89 16.75
N SER B 167 -12.57 -7.62 16.38
CA SER B 167 -13.51 -6.63 16.94
C SER B 167 -14.87 -6.50 16.24
N LEU B 168 -14.91 -6.78 14.94
CA LEU B 168 -16.10 -6.51 14.17
C LEU B 168 -16.42 -7.57 13.14
N ALA B 169 -15.50 -7.82 12.23
CA ALA B 169 -15.78 -8.67 11.09
C ALA B 169 -16.22 -10.07 11.53
N TRP B 170 -15.55 -10.66 12.53
CA TRP B 170 -15.95 -11.98 12.97
CA TRP B 170 -15.91 -12.02 12.99
C TRP B 170 -17.17 -11.97 13.86
N PRO B 171 -17.17 -11.18 14.97
CA PRO B 171 -18.37 -11.24 15.80
C PRO B 171 -19.71 -10.85 15.18
N LEU B 172 -19.74 -9.90 14.24
CA LEU B 172 -21.03 -9.47 13.69
C LEU B 172 -21.87 -10.62 12.97
N PRO B 173 -21.31 -11.28 11.94
CA PRO B 173 -22.11 -12.31 11.19
C PRO B 173 -22.45 -13.51 12.09
N ILE B 174 -21.52 -13.90 12.98
CA ILE B 174 -21.73 -15.02 13.89
CA ILE B 174 -21.71 -15.00 13.91
C ILE B 174 -22.88 -14.70 14.79
N THR B 175 -22.99 -13.45 15.20
CA THR B 175 -24.07 -13.07 16.11
C THR B 175 -25.44 -13.07 15.41
N VAL B 176 -25.50 -12.44 14.24
CA VAL B 176 -26.66 -12.43 13.41
C VAL B 176 -27.08 -13.87 13.04
N ILE B 177 -26.19 -14.71 12.51
CA ILE B 177 -26.70 -16.00 12.14
C ILE B 177 -27.12 -16.86 13.35
N SER B 178 -26.37 -16.76 14.46
CA SER B 178 -26.69 -17.55 15.66
C SER B 178 -28.07 -17.14 16.24
N GLU B 179 -28.45 -15.90 16.15
CA GLU B 179 -29.80 -15.48 16.55
C GLU B 179 -30.91 -15.95 15.57
N LEU B 180 -30.69 -15.88 14.26
CA LEU B 180 -31.68 -16.49 13.34
C LEU B 180 -31.94 -17.95 13.65
N LEU B 181 -30.88 -18.71 13.88
N LEU B 181 -30.89 -18.71 13.83
CA LEU B 181 -30.94 -20.16 14.00
CA LEU B 181 -31.03 -20.12 13.93
C LEU B 181 -30.86 -20.67 15.43
C LEU B 181 -31.47 -20.57 15.33
N GLY B 182 -31.12 -19.81 16.39
CA GLY B 182 -31.23 -20.26 17.79
C GLY B 182 -30.00 -20.93 18.44
N VAL B 183 -28.78 -20.46 18.21
CA VAL B 183 -27.59 -21.11 18.79
C VAL B 183 -27.31 -20.32 20.07
N PRO B 184 -27.50 -20.95 21.24
CA PRO B 184 -27.37 -20.18 22.53
C PRO B 184 -26.01 -19.48 22.65
N GLU B 185 -25.97 -18.23 23.11
CA GLU B 185 -24.68 -17.46 23.25
C GLU B 185 -23.51 -18.28 23.78
N PRO B 186 -23.72 -19.07 24.87
CA PRO B 186 -22.58 -19.80 25.46
C PRO B 186 -22.02 -20.87 24.56
N ASP B 187 -22.82 -21.33 23.62
CA ASP B 187 -22.42 -22.41 22.75
C ASP B 187 -21.57 -21.90 21.58
N ARG B 188 -21.61 -20.60 21.36
CA ARG B 188 -21.00 -19.99 20.16
C ARG B 188 -19.49 -20.16 20.06
N ALA B 189 -18.76 -19.73 21.08
CA ALA B 189 -17.29 -19.92 21.13
C ALA B 189 -16.82 -21.28 20.64
N ALA B 190 -17.32 -22.36 21.24
CA ALA B 190 -16.89 -23.73 20.86
C ALA B 190 -17.19 -24.07 19.42
N PHE B 191 -18.36 -23.63 18.97
CA PHE B 191 -18.80 -23.80 17.57
C PHE B 191 -17.82 -23.10 16.59
N ARG B 192 -17.33 -21.93 16.96
CA ARG B 192 -16.46 -21.21 16.04
C ARG B 192 -15.13 -21.95 15.84
N VAL B 193 -14.58 -22.46 16.94
CA VAL B 193 -13.33 -23.25 16.94
C VAL B 193 -13.50 -24.39 15.92
N TRP B 194 -14.65 -25.06 16.01
CA TRP B 194 -14.94 -26.23 15.17
C TRP B 194 -15.06 -25.81 13.76
N THR B 195 -15.57 -24.61 13.57
CA THR B 195 -15.76 -24.10 12.23
C THR B 195 -14.42 -23.80 11.56
N ASP B 196 -13.37 -23.49 12.33
CA ASP B 196 -12.16 -23.03 11.67
C ASP B 196 -11.29 -24.19 11.32
N ALA B 197 -11.23 -25.15 12.23
CA ALA B 197 -10.53 -26.38 12.00
C ALA B 197 -11.07 -27.09 10.75
N PHE B 198 -12.38 -26.92 10.50
CA PHE B 198 -13.09 -27.61 9.43
C PHE B 198 -12.82 -26.89 8.11
N VAL B 199 -12.85 -25.56 8.19
CA VAL B 199 -12.63 -24.68 7.03
C VAL B 199 -11.14 -24.42 6.75
N PHE B 200 -10.37 -23.98 7.77
CA PHE B 200 -8.88 -23.85 7.68
C PHE B 200 -8.11 -24.92 8.49
N PRO B 201 -8.12 -26.20 8.04
CA PRO B 201 -7.42 -27.23 8.81
C PRO B 201 -5.86 -27.15 8.88
N ASP B 202 -5.32 -27.34 10.10
CA ASP B 202 -3.87 -27.53 10.35
C ASP B 202 -3.42 -28.84 9.75
N ASP B 203 -4.28 -29.85 9.85
CA ASP B 203 -4.02 -31.19 9.36
C ASP B 203 -5.34 -31.91 9.23
N PRO B 204 -5.42 -32.85 8.28
CA PRO B 204 -6.71 -33.45 7.97
C PRO B 204 -7.41 -34.15 9.15
N ALA B 205 -6.66 -34.83 10.02
CA ALA B 205 -7.27 -35.45 11.18
C ALA B 205 -8.04 -34.47 12.11
N GLN B 206 -7.60 -33.22 12.18
CA GLN B 206 -8.22 -32.17 12.99
C GLN B 206 -9.61 -31.82 12.44
N ALA B 207 -9.59 -31.41 11.17
CA ALA B 207 -10.77 -31.16 10.37
C ALA B 207 -11.83 -32.26 10.48
N GLN B 208 -11.43 -33.52 10.33
CA GLN B 208 -12.36 -34.65 10.49
C GLN B 208 -12.97 -34.73 11.90
N THR B 209 -12.15 -34.44 12.91
CA THR B 209 -12.57 -34.57 14.28
C THR B 209 -13.48 -33.40 14.60
N ALA B 210 -13.18 -32.21 14.09
CA ALA B 210 -14.08 -31.10 14.26
C ALA B 210 -15.45 -31.31 13.55
N MET B 211 -15.42 -31.93 12.40
CA MET B 211 -16.64 -32.16 11.68
C MET B 211 -17.55 -33.03 12.50
N ALA B 212 -17.01 -34.16 12.96
CA ALA B 212 -17.69 -35.10 13.84
C ALA B 212 -18.23 -34.42 15.13
N GLU B 213 -17.47 -33.50 15.70
CA GLU B 213 -17.88 -32.82 16.89
C GLU B 213 -18.97 -31.76 16.64
N MET B 214 -18.80 -30.97 15.58
CA MET B 214 -19.78 -29.98 15.16
C MET B 214 -21.11 -30.62 14.89
N SER B 215 -21.04 -31.78 14.31
CA SER B 215 -22.18 -32.54 13.86
C SER B 215 -22.96 -33.25 15.01
N GLY B 216 -22.24 -33.85 15.98
CA GLY B 216 -22.77 -34.17 17.30
C GLY B 216 -23.33 -32.93 18.02
N TYR B 217 -22.63 -31.82 18.01
CA TYR B 217 -23.25 -30.67 18.65
C TYR B 217 -24.60 -30.23 17.98
N LEU B 218 -24.66 -30.29 16.64
CA LEU B 218 -25.87 -29.80 15.97
C LEU B 218 -27.02 -30.74 16.25
N SER B 219 -26.77 -32.04 16.23
CA SER B 219 -27.75 -33.04 16.57
C SER B 219 -28.34 -32.84 17.98
N ARG B 220 -27.51 -32.42 18.95
CA ARG B 220 -27.99 -32.13 20.29
C ARG B 220 -28.79 -30.85 20.30
N LEU B 221 -28.27 -29.79 19.69
CA LEU B 221 -29.03 -28.57 19.54
C LEU B 221 -30.46 -28.80 18.94
N ILE B 222 -30.48 -29.50 17.80
CA ILE B 222 -31.72 -29.82 17.14
C ILE B 222 -32.65 -30.53 18.12
N ASP B 223 -32.14 -31.53 18.84
CA ASP B 223 -33.02 -32.32 19.70
C ASP B 223 -33.42 -31.46 20.90
N SER B 224 -32.58 -30.52 21.32
CA SER B 224 -33.04 -29.60 22.38
C SER B 224 -34.18 -28.69 21.92
N LYS B 225 -34.49 -28.58 20.60
CA LYS B 225 -35.55 -27.64 20.23
C LYS B 225 -36.92 -28.35 20.39
N ARG B 226 -36.90 -29.68 20.35
CA ARG B 226 -38.14 -30.37 20.24
C ARG B 226 -39.03 -30.15 21.42
N GLY B 227 -40.29 -29.85 21.12
CA GLY B 227 -41.29 -29.57 22.16
C GLY B 227 -41.11 -28.25 22.89
N GLN B 228 -40.23 -27.33 22.42
CA GLN B 228 -39.98 -26.15 23.23
C GLN B 228 -40.73 -24.97 22.64
N ASP B 229 -41.44 -25.17 21.52
CA ASP B 229 -42.22 -24.12 20.86
C ASP B 229 -41.38 -22.89 20.53
N GLY B 230 -40.11 -23.10 20.22
CA GLY B 230 -39.21 -21.94 19.93
C GLY B 230 -39.67 -21.34 18.59
N GLU B 231 -39.45 -20.02 18.40
CA GLU B 231 -39.83 -19.28 17.22
CA GLU B 231 -39.85 -19.42 17.14
C GLU B 231 -38.68 -19.05 16.23
N ASP B 232 -37.49 -19.53 16.53
CA ASP B 232 -36.33 -19.32 15.66
C ASP B 232 -36.36 -20.29 14.46
N LEU B 233 -35.43 -20.11 13.51
CA LEU B 233 -35.48 -20.88 12.26
C LEU B 233 -35.27 -22.35 12.48
N LEU B 234 -34.34 -22.70 13.34
CA LEU B 234 -34.05 -24.10 13.60
C LEU B 234 -35.26 -24.79 14.25
N SER B 235 -35.93 -24.10 15.16
CA SER B 235 -37.07 -24.68 15.80
C SER B 235 -38.16 -25.01 14.74
N ALA B 236 -38.36 -24.07 13.81
CA ALA B 236 -39.26 -24.24 12.72
C ALA B 236 -38.90 -25.41 11.83
N LEU B 237 -37.62 -25.57 11.45
CA LEU B 237 -37.25 -26.68 10.61
C LEU B 237 -37.40 -28.04 11.33
N VAL B 238 -37.09 -28.06 12.64
CA VAL B 238 -37.34 -29.24 13.44
C VAL B 238 -38.81 -29.68 13.36
N ARG B 239 -39.75 -28.78 13.62
CA ARG B 239 -41.18 -29.12 13.50
C ARG B 239 -41.53 -29.55 12.09
N THR B 240 -41.01 -28.84 11.07
CA THR B 240 -41.20 -29.30 9.66
C THR B 240 -40.82 -30.74 9.46
N SER B 241 -39.63 -31.06 9.96
CA SER B 241 -39.09 -32.39 9.81
C SER B 241 -39.90 -33.43 10.63
N ASP B 242 -40.25 -33.10 11.86
CA ASP B 242 -40.93 -34.11 12.69
C ASP B 242 -42.37 -34.34 12.14
N GLU B 243 -42.96 -33.32 11.49
CA GLU B 243 -44.31 -33.41 10.90
C GLU B 243 -44.34 -34.34 9.70
N ASP B 244 -43.29 -34.30 8.90
CA ASP B 244 -43.24 -35.14 7.70
C ASP B 244 -41.74 -35.27 7.33
N GLY B 245 -41.20 -36.41 7.75
CA GLY B 245 -39.84 -36.86 7.41
C GLY B 245 -39.58 -37.01 5.92
N SER B 246 -40.56 -37.02 5.07
CA SER B 246 -40.23 -36.96 3.63
C SER B 246 -40.07 -35.54 3.11
N ARG B 247 -40.56 -34.52 3.83
CA ARG B 247 -40.31 -33.17 3.33
C ARG B 247 -38.90 -32.64 3.70
N LEU B 248 -38.47 -33.07 4.89
CA LEU B 248 -37.17 -32.76 5.44
C LEU B 248 -36.75 -33.92 6.34
N THR B 249 -35.77 -34.69 5.84
CA THR B 249 -35.32 -35.88 6.59
C THR B 249 -34.46 -35.39 7.73
N SER B 250 -34.16 -36.28 8.67
CA SER B 250 -33.29 -35.87 9.79
C SER B 250 -31.85 -35.57 9.39
N GLU B 251 -31.33 -36.31 8.42
CA GLU B 251 -30.05 -35.98 7.80
C GLU B 251 -30.07 -34.65 7.11
N GLU B 252 -31.12 -34.37 6.34
CA GLU B 252 -31.30 -33.04 5.66
C GLU B 252 -31.42 -31.94 6.68
N LEU B 253 -32.10 -32.24 7.79
CA LEU B 253 -32.27 -31.20 8.84
C LEU B 253 -30.92 -30.77 9.48
N LEU B 254 -30.12 -31.76 9.82
CA LEU B 254 -28.74 -31.52 10.22
C LEU B 254 -27.91 -30.77 9.16
N GLY B 255 -28.01 -31.20 7.90
CA GLY B 255 -27.20 -30.54 6.83
C GLY B 255 -27.62 -29.11 6.62
N MET B 256 -28.92 -28.82 6.79
CA MET B 256 -29.49 -27.47 6.70
C MET B 256 -28.96 -26.54 7.81
N ALA B 257 -29.00 -27.02 9.08
CA ALA B 257 -28.44 -26.24 10.15
C ALA B 257 -26.96 -25.98 9.88
N HIS B 258 -26.23 -27.01 9.51
CA HIS B 258 -24.82 -26.84 9.30
C HIS B 258 -24.50 -25.86 8.16
N ILE B 259 -25.18 -25.97 7.03
CA ILE B 259 -24.80 -25.12 5.89
C ILE B 259 -25.13 -23.67 6.25
N LEU B 260 -26.27 -23.40 6.86
CA LEU B 260 -26.66 -22.03 7.10
C LEU B 260 -25.68 -21.39 8.11
N LEU B 261 -25.32 -22.14 9.16
CA LEU B 261 -24.44 -21.67 10.22
C LEU B 261 -23.05 -21.47 9.72
N VAL B 262 -22.53 -22.44 8.95
CA VAL B 262 -21.12 -22.37 8.51
C VAL B 262 -20.98 -21.25 7.43
N ALA B 263 -21.96 -21.10 6.54
CA ALA B 263 -21.87 -19.90 5.71
C ALA B 263 -21.93 -18.60 6.58
N GLY B 264 -22.80 -18.57 7.61
CA GLY B 264 -22.83 -17.46 8.60
C GLY B 264 -21.53 -17.16 9.39
N HIS B 265 -20.68 -18.16 9.51
CA HIS B 265 -19.35 -18.03 10.08
C HIS B 265 -18.25 -17.60 9.11
N GLU B 266 -18.33 -17.87 7.81
CA GLU B 266 -17.05 -17.81 7.08
C GLU B 266 -16.94 -17.00 5.74
N THR B 267 -17.96 -16.29 5.33
CA THR B 267 -17.83 -15.49 4.13
C THR B 267 -17.93 -13.99 4.39
N THR B 268 -19.00 -13.59 5.07
CA THR B 268 -19.24 -12.17 5.38
C THR B 268 -18.06 -11.57 6.15
N VAL B 269 -17.49 -12.35 7.11
CA VAL B 269 -16.27 -11.93 7.80
CA VAL B 269 -16.27 -11.94 7.80
C VAL B 269 -15.27 -11.42 6.78
N ASN B 270 -15.03 -12.20 5.73
CA ASN B 270 -13.97 -11.86 4.81
C ASN B 270 -14.33 -10.80 3.82
N LEU B 271 -15.62 -10.58 3.60
CA LEU B 271 -16.01 -9.45 2.82
C LEU B 271 -15.69 -8.17 3.56
N ILE B 272 -16.05 -8.14 4.85
CA ILE B 272 -15.89 -6.93 5.63
C ILE B 272 -14.38 -6.59 5.76
N ALA B 273 -13.53 -7.59 5.95
CA ALA B 273 -12.09 -7.32 6.18
C ALA B 273 -11.34 -7.11 4.87
N ASN B 274 -11.59 -7.97 3.87
CA ASN B 274 -10.99 -7.77 2.55
C ASN B 274 -11.41 -6.42 2.01
N GLY B 275 -12.67 -6.06 2.24
CA GLY B 275 -13.20 -4.84 1.65
C GLY B 275 -12.66 -3.60 2.32
N MET B 276 -12.57 -3.60 3.64
CA MET B 276 -11.95 -2.48 4.32
C MET B 276 -10.42 -2.39 3.98
N TYR B 277 -9.75 -3.52 3.88
CA TYR B 277 -8.37 -3.53 3.46
C TYR B 277 -8.26 -2.84 2.08
N ALA B 278 -9.13 -3.25 1.13
CA ALA B 278 -9.15 -2.55 -0.16
C ALA B 278 -9.38 -1.10 -0.01
N LEU B 279 -10.27 -0.71 0.88
CA LEU B 279 -10.67 0.69 0.92
C LEU B 279 -9.52 1.56 1.49
N LEU B 280 -8.92 1.10 2.57
CA LEU B 280 -7.84 1.75 3.24
C LEU B 280 -6.47 1.66 2.53
N SER B 281 -6.26 0.68 1.66
CA SER B 281 -5.08 0.63 0.82
C SER B 281 -5.21 1.39 -0.56
N HIS B 282 -6.35 2.05 -0.77
CA HIS B 282 -6.68 2.93 -1.91
C HIS B 282 -7.28 4.21 -1.38
N PRO B 283 -6.40 5.11 -0.84
CA PRO B 283 -6.87 6.33 -0.18
C PRO B 283 -7.70 7.24 -1.09
N ASP B 284 -7.41 7.25 -2.39
CA ASP B 284 -8.28 8.01 -3.31
C ASP B 284 -9.76 7.49 -3.31
N GLN B 285 -9.94 6.17 -3.16
CA GLN B 285 -11.32 5.65 -3.09
C GLN B 285 -11.87 5.94 -1.73
N LEU B 286 -11.07 5.73 -0.68
CA LEU B 286 -11.47 6.09 0.69
C LEU B 286 -11.89 7.53 0.71
N ALA B 287 -11.12 8.40 0.08
CA ALA B 287 -11.46 9.81 0.18
C ALA B 287 -12.80 10.05 -0.55
N ALA B 288 -13.03 9.36 -1.65
CA ALA B 288 -14.23 9.66 -2.45
C ALA B 288 -15.48 9.17 -1.75
N LEU B 289 -15.35 8.03 -1.07
CA LEU B 289 -16.44 7.49 -0.29
C LEU B 289 -16.74 8.41 0.93
N ARG B 290 -15.74 8.80 1.74
CA ARG B 290 -16.08 9.72 2.87
CA ARG B 290 -15.98 9.75 2.87
C ARG B 290 -16.62 11.06 2.39
N ALA B 291 -16.23 11.52 1.20
CA ALA B 291 -16.83 12.77 0.69
C ALA B 291 -18.21 12.57 0.07
N ASP B 292 -18.62 11.31 -0.15
CA ASP B 292 -19.98 11.05 -0.71
C ASP B 292 -20.48 9.65 -0.32
N MET B 293 -21.10 9.58 0.83
CA MET B 293 -21.51 8.35 1.39
C MET B 293 -22.62 7.63 0.66
N THR B 294 -23.34 8.32 -0.24
CA THR B 294 -24.30 7.63 -1.13
C THR B 294 -23.59 6.64 -2.09
N LEU B 295 -22.27 6.72 -2.16
CA LEU B 295 -21.53 5.80 -2.97
C LEU B 295 -21.34 4.45 -2.28
N LEU B 296 -21.86 4.30 -1.07
CA LEU B 296 -21.52 3.14 -0.22
C LEU B 296 -21.89 1.79 -0.79
N ASP B 297 -23.09 1.69 -1.35
CA ASP B 297 -23.60 0.42 -1.84
C ASP B 297 -22.77 -0.03 -3.03
N GLY B 298 -22.43 0.92 -3.91
CA GLY B 298 -21.58 0.64 -5.06
C GLY B 298 -20.22 0.25 -4.54
N ALA B 299 -19.81 0.80 -3.41
CA ALA B 299 -18.42 0.47 -2.90
C ALA B 299 -18.39 -0.99 -2.43
N VAL B 300 -19.50 -1.42 -1.85
CA VAL B 300 -19.56 -2.75 -1.32
C VAL B 300 -19.62 -3.82 -2.45
N GLU B 301 -20.30 -3.50 -3.55
CA GLU B 301 -20.32 -4.34 -4.74
C GLU B 301 -18.91 -4.35 -5.31
N GLU B 302 -18.21 -3.21 -5.30
CA GLU B 302 -16.83 -3.31 -5.83
C GLU B 302 -15.83 -4.03 -4.89
N MET B 303 -16.08 -4.10 -3.59
CA MET B 303 -15.31 -5.00 -2.73
C MET B 303 -15.55 -6.46 -3.11
N LEU B 304 -16.81 -6.82 -3.40
CA LEU B 304 -17.17 -8.20 -3.81
C LEU B 304 -16.46 -8.49 -5.14
N ARG B 305 -16.39 -7.48 -6.02
CA ARG B 305 -15.78 -7.69 -7.35
C ARG B 305 -14.25 -7.77 -7.28
N TYR B 306 -13.67 -6.87 -6.51
CA TYR B 306 -12.21 -6.77 -6.45
C TYR B 306 -11.53 -7.84 -5.57
N GLU B 307 -12.08 -8.11 -4.40
CA GLU B 307 -11.48 -9.15 -3.52
CA GLU B 307 -11.47 -9.04 -3.45
C GLU B 307 -12.52 -9.80 -2.63
N GLY B 308 -13.51 -10.36 -3.30
CA GLY B 308 -14.57 -11.05 -2.62
C GLY B 308 -13.98 -12.21 -1.88
N PRO B 309 -14.69 -12.67 -0.83
CA PRO B 309 -14.13 -13.73 -0.01
C PRO B 309 -14.08 -15.10 -0.71
N VAL B 310 -14.91 -15.31 -1.74
CA VAL B 310 -14.90 -16.62 -2.40
C VAL B 310 -13.96 -16.58 -3.61
N GLU B 311 -12.75 -17.10 -3.46
CA GLU B 311 -11.72 -17.21 -4.54
C GLU B 311 -12.15 -18.19 -5.67
N SER B 312 -12.60 -19.38 -5.27
CA SER B 312 -13.09 -20.45 -6.15
C SER B 312 -14.38 -21.04 -5.57
N ALA B 313 -15.33 -21.32 -6.43
CA ALA B 313 -16.66 -21.82 -6.04
C ALA B 313 -16.58 -23.26 -5.54
N THR B 314 -17.63 -23.80 -4.91
CA THR B 314 -17.52 -25.10 -4.25
C THR B 314 -17.49 -26.21 -5.32
N TYR B 315 -17.17 -27.44 -4.91
CA TYR B 315 -16.92 -28.52 -5.93
C TYR B 315 -18.10 -28.82 -6.93
N ARG B 316 -17.72 -28.97 -8.20
CA ARG B 316 -18.63 -29.44 -9.27
C ARG B 316 -18.04 -30.72 -9.90
N PHE B 317 -18.91 -31.64 -10.29
CA PHE B 317 -18.49 -32.90 -10.87
C PHE B 317 -19.18 -33.11 -12.22
N PRO B 318 -18.42 -33.25 -13.32
CA PRO B 318 -19.17 -33.49 -14.60
C PRO B 318 -19.89 -34.81 -14.50
N VAL B 319 -21.17 -34.85 -14.82
CA VAL B 319 -21.94 -36.08 -14.72
C VAL B 319 -21.45 -37.06 -15.82
N GLU B 320 -21.31 -36.56 -17.06
CA GLU B 320 -20.66 -37.20 -18.18
C GLU B 320 -19.45 -36.36 -18.58
N PRO B 321 -18.50 -36.89 -19.40
CA PRO B 321 -17.37 -36.07 -19.70
C PRO B 321 -17.82 -34.77 -20.39
N VAL B 322 -17.04 -33.70 -20.21
CA VAL B 322 -17.41 -32.39 -20.74
C VAL B 322 -16.28 -31.89 -21.54
N ASP B 323 -16.54 -31.55 -22.77
CA ASP B 323 -15.47 -31.01 -23.60
C ASP B 323 -15.53 -29.45 -23.51
N LEU B 324 -14.51 -28.80 -23.00
CA LEU B 324 -14.47 -27.32 -22.95
C LEU B 324 -13.38 -26.80 -23.89
N ASP B 325 -13.74 -26.21 -25.03
CA ASP B 325 -12.72 -25.80 -26.06
C ASP B 325 -11.69 -26.84 -26.36
N GLY B 326 -12.12 -28.09 -26.53
CA GLY B 326 -11.13 -29.13 -26.83
C GLY B 326 -10.53 -29.82 -25.61
N THR B 327 -10.61 -29.22 -24.43
CA THR B 327 -10.09 -29.87 -23.25
C THR B 327 -11.20 -30.76 -22.67
N VAL B 328 -10.97 -32.06 -22.61
CA VAL B 328 -11.96 -32.96 -22.08
C VAL B 328 -11.82 -33.06 -20.55
N ILE B 329 -12.84 -32.69 -19.83
CA ILE B 329 -12.83 -32.97 -18.40
C ILE B 329 -13.58 -34.28 -18.11
N PRO B 330 -12.89 -35.27 -17.51
CA PRO B 330 -13.55 -36.59 -17.26
C PRO B 330 -14.78 -36.57 -16.33
N ALA B 331 -15.71 -37.48 -16.56
CA ALA B 331 -16.84 -37.75 -15.65
C ALA B 331 -16.36 -37.92 -14.23
N GLY B 332 -17.00 -37.24 -13.28
CA GLY B 332 -16.65 -37.50 -11.88
C GLY B 332 -15.47 -36.78 -11.31
N ASP B 333 -14.68 -36.13 -12.16
CA ASP B 333 -13.56 -35.32 -11.60
C ASP B 333 -14.05 -34.07 -10.85
N THR B 334 -13.18 -33.46 -10.04
CA THR B 334 -13.51 -32.27 -9.23
C THR B 334 -13.22 -31.00 -9.99
N VAL B 335 -14.22 -30.11 -10.11
CA VAL B 335 -14.00 -28.85 -10.85
C VAL B 335 -14.27 -27.63 -9.96
N LEU B 336 -13.34 -26.66 -9.95
CA LEU B 336 -13.42 -25.38 -9.22
C LEU B 336 -13.47 -24.21 -10.18
N VAL B 337 -14.58 -23.47 -10.16
CA VAL B 337 -14.66 -22.27 -10.92
C VAL B 337 -13.92 -21.16 -10.13
N VAL B 338 -12.91 -20.54 -10.75
CA VAL B 338 -12.11 -19.50 -10.08
C VAL B 338 -12.73 -18.13 -10.30
N LEU B 339 -13.64 -17.78 -9.37
CA LEU B 339 -14.29 -16.51 -9.36
C LEU B 339 -13.30 -15.33 -9.36
N ALA B 340 -12.21 -15.47 -8.63
CA ALA B 340 -11.26 -14.40 -8.55
C ALA B 340 -10.69 -14.03 -9.93
N ASP B 341 -10.44 -15.02 -10.77
CA ASP B 341 -9.92 -14.73 -12.14
C ASP B 341 -11.04 -14.20 -13.05
N ALA B 342 -12.26 -14.76 -12.92
CA ALA B 342 -13.43 -14.18 -13.64
C ALA B 342 -13.47 -12.67 -13.36
N HIS B 343 -13.20 -12.27 -12.11
CA HIS B 343 -13.31 -10.86 -11.78
C HIS B 343 -12.13 -9.98 -12.27
N ARG B 344 -11.05 -10.61 -12.71
CA ARG B 344 -9.94 -9.89 -13.29
C ARG B 344 -9.88 -9.97 -14.83
N THR B 345 -10.95 -10.43 -15.47
CA THR B 345 -10.98 -10.59 -16.89
C THR B 345 -11.25 -9.24 -17.50
N PRO B 346 -10.23 -8.69 -18.22
CA PRO B 346 -10.30 -7.30 -18.68
C PRO B 346 -11.43 -7.10 -19.65
N GLU B 347 -11.71 -8.09 -20.49
CA GLU B 347 -12.74 -7.89 -21.49
C GLU B 347 -14.07 -7.61 -20.75
N ARG B 348 -14.21 -8.17 -19.55
CA ARG B 348 -15.43 -7.99 -18.78
C ARG B 348 -15.34 -6.84 -17.74
N PHE B 349 -14.18 -6.70 -17.13
CA PHE B 349 -14.07 -5.64 -16.10
C PHE B 349 -12.82 -4.80 -16.51
N PRO B 350 -13.02 -3.78 -17.31
CA PRO B 350 -11.89 -2.99 -17.88
C PRO B 350 -11.00 -2.41 -16.76
N ASP B 351 -9.69 -2.43 -16.96
CA ASP B 351 -8.72 -2.00 -15.94
C ASP B 351 -9.01 -2.84 -14.67
N PRO B 352 -9.02 -4.18 -14.79
CA PRO B 352 -9.51 -5.08 -13.73
C PRO B 352 -8.81 -4.96 -12.37
N HIS B 353 -7.55 -4.53 -12.37
CA HIS B 353 -6.78 -4.49 -11.12
C HIS B 353 -6.99 -3.15 -10.47
N ARG B 354 -7.74 -2.26 -11.10
CA ARG B 354 -8.04 -1.05 -10.37
C ARG B 354 -9.26 -1.21 -9.44
N PHE B 355 -9.13 -0.79 -8.19
CA PHE B 355 -10.26 -0.76 -7.25
C PHE B 355 -11.02 0.54 -7.48
N ASP B 356 -12.23 0.52 -8.05
CA ASP B 356 -12.89 1.79 -8.31
C ASP B 356 -14.35 1.69 -7.86
N ILE B 357 -14.71 2.37 -6.77
CA ILE B 357 -16.05 2.20 -6.19
C ILE B 357 -17.20 2.62 -7.11
N ARG B 358 -16.86 3.25 -8.23
CA ARG B 358 -17.93 3.67 -9.13
C ARG B 358 -17.97 2.85 -10.45
N ARG B 359 -17.16 1.82 -10.55
CA ARG B 359 -17.20 1.05 -11.78
C ARG B 359 -18.57 0.37 -11.92
N ASP B 360 -18.83 -0.11 -13.12
CA ASP B 360 -20.05 -0.86 -13.32
C ASP B 360 -19.72 -2.26 -12.80
N THR B 361 -20.39 -2.69 -11.73
CA THR B 361 -20.09 -4.04 -11.20
C THR B 361 -21.10 -5.12 -11.60
N ALA B 362 -22.12 -4.73 -12.36
CA ALA B 362 -23.20 -5.65 -12.72
C ALA B 362 -22.64 -6.92 -13.36
N GLY B 363 -23.11 -8.07 -12.85
CA GLY B 363 -22.67 -9.33 -13.40
C GLY B 363 -21.51 -9.98 -12.71
N HIS B 364 -21.01 -9.46 -11.56
CA HIS B 364 -19.99 -10.21 -10.89
C HIS B 364 -20.55 -11.52 -10.36
N LEU B 365 -19.66 -12.38 -9.96
CA LEU B 365 -19.99 -13.75 -9.62
C LEU B 365 -19.59 -14.02 -8.18
N ALA B 366 -19.51 -12.97 -7.35
CA ALA B 366 -19.06 -13.16 -5.96
C ALA B 366 -20.04 -14.01 -5.15
N PHE B 367 -21.33 -14.01 -5.59
CA PHE B 367 -22.40 -14.76 -4.95
C PHE B 367 -22.78 -15.99 -5.81
N GLY B 368 -22.02 -16.24 -6.87
CA GLY B 368 -22.25 -17.41 -7.71
C GLY B 368 -23.17 -16.98 -8.84
N HIS B 369 -23.83 -17.95 -9.43
CA HIS B 369 -24.71 -17.77 -10.58
C HIS B 369 -25.40 -19.10 -10.91
N GLY B 370 -26.70 -19.02 -11.22
CA GLY B 370 -27.52 -20.19 -11.54
C GLY B 370 -28.36 -20.58 -10.32
N ILE B 371 -28.72 -21.87 -10.23
CA ILE B 371 -29.68 -22.28 -9.24
C ILE B 371 -29.06 -22.29 -7.84
N HIS B 372 -27.71 -22.27 -7.77
CA HIS B 372 -27.01 -22.24 -6.45
C HIS B 372 -26.61 -20.83 -5.98
N PHE B 373 -27.10 -19.81 -6.66
CA PHE B 373 -26.80 -18.43 -6.37
C PHE B 373 -27.10 -18.19 -4.92
N CYS B 374 -26.09 -17.61 -4.25
CA CYS B 374 -26.13 -17.33 -2.84
C CYS B 374 -27.52 -16.97 -2.28
N ILE B 375 -27.97 -17.80 -1.36
CA ILE B 375 -29.23 -17.53 -0.70
C ILE B 375 -29.06 -16.43 0.38
N GLY B 376 -27.83 -16.26 0.84
CA GLY B 376 -27.55 -15.34 1.96
C GLY B 376 -27.27 -13.91 1.47
N ALA B 377 -27.45 -13.65 0.16
CA ALA B 377 -26.85 -12.43 -0.40
C ALA B 377 -27.48 -11.15 0.15
N PRO B 378 -28.81 -11.13 0.38
CA PRO B 378 -29.37 -9.92 0.99
C PRO B 378 -28.91 -9.71 2.44
N LEU B 379 -28.84 -10.79 3.19
CA LEU B 379 -28.26 -10.74 4.51
C LEU B 379 -26.78 -10.27 4.51
N ALA B 380 -25.95 -10.87 3.66
CA ALA B 380 -24.53 -10.46 3.59
C ALA B 380 -24.39 -8.96 3.24
N ARG B 381 -25.19 -8.49 2.28
CA ARG B 381 -25.16 -7.07 1.92
C ARG B 381 -25.61 -6.13 3.05
N LEU B 382 -26.64 -6.53 3.77
CA LEU B 382 -27.19 -5.72 4.86
C LEU B 382 -26.04 -5.55 5.84
N GLU B 383 -25.45 -6.65 6.33
CA GLU B 383 -24.36 -6.60 7.32
C GLU B 383 -23.12 -5.83 6.87
N ALA B 384 -22.63 -6.10 5.68
CA ALA B 384 -21.47 -5.42 5.19
C ALA B 384 -21.80 -3.94 5.08
N ARG B 385 -22.98 -3.58 4.59
CA ARG B 385 -23.23 -2.15 4.30
C ARG B 385 -23.27 -1.36 5.62
N ILE B 386 -23.81 -2.02 6.64
CA ILE B 386 -23.97 -1.40 7.95
C ILE B 386 -22.58 -1.30 8.64
N ALA B 387 -21.79 -2.36 8.56
CA ALA B 387 -20.46 -2.34 9.14
C ALA B 387 -19.61 -1.22 8.53
N VAL B 388 -19.51 -1.18 7.22
CA VAL B 388 -18.64 -0.25 6.55
C VAL B 388 -19.02 1.19 6.86
N ARG B 389 -20.31 1.49 6.75
CA ARG B 389 -20.80 2.79 7.07
C ARG B 389 -20.42 3.13 8.54
N ALA B 390 -20.63 2.23 9.48
CA ALA B 390 -20.26 2.54 10.84
C ALA B 390 -18.79 2.94 11.01
N LEU B 391 -17.86 2.14 10.47
CA LEU B 391 -16.43 2.42 10.59
C LEU B 391 -16.04 3.76 10.01
N LEU B 392 -16.69 4.15 8.93
CA LEU B 392 -16.34 5.36 8.27
C LEU B 392 -16.92 6.56 8.98
N GLU B 393 -18.12 6.39 9.52
CA GLU B 393 -18.77 7.46 10.26
C GLU B 393 -18.22 7.69 11.69
N ARG B 394 -17.69 6.66 12.35
CA ARG B 394 -17.30 6.74 13.74
C ARG B 394 -15.77 6.61 13.97
N CYS B 395 -15.02 6.27 12.95
CA CYS B 395 -13.56 6.25 13.10
C CYS B 395 -13.04 7.35 12.23
N PRO B 396 -12.81 8.51 12.85
CA PRO B 396 -12.31 9.65 12.10
C PRO B 396 -10.85 9.29 11.82
N ASP B 397 -10.47 9.50 10.56
CA ASP B 397 -9.10 9.32 10.11
C ASP B 397 -8.65 7.86 10.15
N LEU B 398 -9.59 6.94 10.00
CA LEU B 398 -9.30 5.49 10.07
C LEU B 398 -8.19 5.08 9.12
N ALA B 399 -7.27 4.24 9.58
CA ALA B 399 -6.15 3.85 8.78
C ALA B 399 -5.71 2.45 9.12
N LEU B 400 -5.01 1.80 8.18
CA LEU B 400 -4.36 0.52 8.45
C LEU B 400 -3.24 0.76 9.43
N ASP B 401 -2.86 -0.29 10.16
CA ASP B 401 -1.81 -0.22 11.15
C ASP B 401 -0.88 -1.41 10.97
N VAL B 402 -0.53 -1.66 9.71
CA VAL B 402 0.22 -2.84 9.33
C VAL B 402 0.71 -2.44 7.96
N SER B 403 1.48 -3.30 7.32
CA SER B 403 1.94 -3.01 5.98
C SER B 403 1.68 -4.28 5.19
N PRO B 404 1.20 -4.13 3.93
CA PRO B 404 0.95 -5.31 3.11
C PRO B 404 1.85 -6.53 3.48
N GLY B 405 3.15 -6.26 3.74
CA GLY B 405 4.12 -7.30 4.00
C GLY B 405 3.86 -8.13 5.24
N GLU B 406 3.27 -7.52 6.25
CA GLU B 406 2.93 -8.23 7.45
C GLU B 406 1.50 -8.84 7.45
N LEU B 407 0.65 -8.45 6.49
CA LEU B 407 -0.65 -9.10 6.31
C LEU B 407 -0.43 -10.57 5.95
N VAL B 408 -1.27 -11.44 6.46
CA VAL B 408 -1.14 -12.87 6.16
C VAL B 408 -2.45 -13.48 5.64
N TRP B 409 -2.40 -13.98 4.42
CA TRP B 409 -3.52 -14.63 3.78
C TRP B 409 -3.53 -16.15 4.03
N TYR B 410 -4.60 -16.70 4.62
CA TYR B 410 -4.68 -18.18 4.76
C TYR B 410 -4.59 -18.88 3.37
N PRO B 411 -3.93 -20.06 3.29
CA PRO B 411 -3.65 -20.74 1.98
C PRO B 411 -4.83 -21.36 1.14
N ASN B 412 -6.03 -21.43 1.72
CA ASN B 412 -7.21 -22.00 1.00
C ASN B 412 -7.46 -21.51 -0.46
N PRO B 413 -7.54 -22.44 -1.42
CA PRO B 413 -7.72 -22.05 -2.83
C PRO B 413 -9.19 -21.61 -3.10
N MET B 414 -10.08 -22.02 -2.18
CA MET B 414 -11.47 -21.58 -2.10
C MET B 414 -11.73 -20.19 -1.47
N ILE B 415 -11.12 -19.90 -0.32
CA ILE B 415 -11.36 -18.67 0.40
C ILE B 415 -10.22 -17.65 0.25
N ARG B 416 -10.56 -16.39 0.04
CA ARG B 416 -9.62 -15.30 0.10
C ARG B 416 -9.88 -14.56 1.44
N GLY B 417 -8.97 -14.71 2.40
CA GLY B 417 -9.11 -14.08 3.71
C GLY B 417 -7.81 -13.80 4.47
N LEU B 418 -7.86 -12.80 5.33
CA LEU B 418 -6.72 -12.44 6.13
C LEU B 418 -6.81 -13.13 7.48
N LYS B 419 -5.66 -13.41 8.07
CA LYS B 419 -5.63 -13.84 9.45
C LYS B 419 -6.02 -12.72 10.43
N ALA B 420 -5.59 -11.51 10.12
CA ALA B 420 -5.93 -10.37 10.94
C ALA B 420 -5.85 -9.07 10.17
N LEU B 421 -6.59 -8.07 10.62
CA LEU B 421 -6.52 -6.74 10.03
C LEU B 421 -6.33 -5.64 11.08
N PRO B 422 -5.07 -5.28 11.37
CA PRO B 422 -4.80 -4.13 12.32
C PRO B 422 -5.17 -2.76 11.78
N ILE B 423 -6.01 -2.04 12.53
CA ILE B 423 -6.41 -0.72 12.20
C ILE B 423 -6.06 0.20 13.39
N ARG B 424 -6.05 1.52 13.17
CA ARG B 424 -5.90 2.51 14.23
C ARG B 424 -6.67 3.69 13.71
N TRP B 425 -7.06 4.60 14.60
CA TRP B 425 -7.88 5.72 14.22
C TRP B 425 -7.56 6.94 15.12
N ARG B 426 -8.04 8.03 15.00
CA ARG B 426 -7.71 9.22 15.82
C ARG B 426 -8.44 9.27 17.19
CHA HEM C . 23.13 21.53 2.08
CHB HEM C . 18.75 19.49 2.09
CHC HEM C . 17.36 22.44 -1.46
CHD HEM C . 21.82 24.07 -1.85
C1A HEM C . 22.02 20.73 2.36
C2A HEM C . 21.99 19.77 3.44
C3A HEM C . 20.81 19.21 3.42
C4A HEM C . 20.03 19.82 2.36
CMA HEM C . 20.35 18.06 4.36
CAA HEM C . 23.16 19.49 4.41
CBA HEM C . 24.01 18.29 3.90
CGA HEM C . 24.99 17.80 4.99
O1A HEM C . 25.56 16.75 4.75
O2A HEM C . 25.29 18.39 6.08
C1B HEM C . 17.92 20.13 1.19
C2B HEM C . 16.52 19.88 0.94
C3B HEM C . 16.18 20.72 -0.05
C4B HEM C . 17.33 21.46 -0.47
CMB HEM C . 15.62 18.90 1.74
CAB HEM C . 14.84 20.92 -0.77
CBB HEM C . 13.70 20.63 -0.19
C1C HEM C . 18.43 23.16 -1.87
C2C HEM C . 18.44 24.17 -2.95
C3C HEM C . 19.68 24.63 -3.03
C4C HEM C . 20.48 23.94 -2.04
CMC HEM C . 17.19 24.62 -3.76
CAC HEM C . 20.20 25.64 -4.07
CBC HEM C . 20.47 26.84 -3.63
C1D HEM C . 22.60 23.56 -0.83
C2D HEM C . 24.01 23.81 -0.65
C3D HEM C . 24.39 23.04 0.55
C4D HEM C . 23.22 22.38 0.98
CMD HEM C . 24.98 24.70 -1.47
CAD HEM C . 25.81 23.02 1.21
CBD HEM C . 25.70 24.08 2.32
CGD HEM C . 27.05 24.08 3.05
O1D HEM C . 27.23 25.08 3.74
O2D HEM C . 27.93 23.15 2.97
NA HEM C . 20.79 20.74 1.72
NB HEM C . 18.38 21.06 0.29
NC HEM C . 19.71 23.00 -1.39
ND HEM C . 22.16 22.72 0.16
FE HEM C . 20.16 22.14 0.37
O3 1D4 D . 25.25 11.84 -5.27
C12 1D4 D . 26.19 12.88 -4.93
C5 1D4 D . 25.65 13.88 -3.87
O2 1D4 D . 26.63 14.95 -3.76
C6 1D4 D . 27.86 14.55 -3.17
C7 1D4 D . 28.67 15.83 -3.04
C8 1D4 D . 28.53 13.45 -4.01
C9 1D4 D . 27.51 12.32 -4.33
N 1D4 D . 28.11 11.32 -5.24
C10 1D4 D . 28.89 10.31 -4.48
C11 1D4 D . 28.94 11.90 -6.30
O1 1D4 D . 24.43 14.61 -4.09
C4 1D4 D . 23.08 14.10 -4.03
C13 1D4 D . 22.63 13.62 -2.63
C14 1D4 D . 21.53 14.45 -1.95
C15 1D4 D . 22.00 15.14 -0.66
C16 1D4 D . 21.22 16.41 -0.38
C17 1D4 D . 22.13 17.58 -0.04
C18 1D4 D . 21.78 18.72 -0.99
C19 1D4 D . 23.02 19.53 -1.34
C20 1D4 D . 23.52 19.39 -2.78
C21 1D4 D . 24.26 18.08 -3.04
C1 1D4 D . 23.79 17.34 -4.30
C2 1D4 D . 22.45 16.65 -4.04
C3 1D4 D . 22.22 15.24 -4.62
CHA HEM E . -24.07 -20.26 -1.86
CHB HEM E . -21.00 -16.56 -1.72
CHC HEM E . -22.87 -15.22 2.53
CHD HEM E . -25.60 -19.16 2.63
C1A HEM E . -23.06 -19.38 -2.18
C2A HEM E . -22.25 -19.40 -3.40
C3A HEM E . -21.39 -18.40 -3.37
C4A HEM E . -21.66 -17.69 -2.11
CMA HEM E . -20.29 -17.98 -4.39
CAA HEM E . -22.42 -20.43 -4.52
CBA HEM E . -21.42 -21.56 -4.41
CGA HEM E . -21.30 -22.38 -5.69
O1A HEM E . -22.05 -22.21 -6.70
O2A HEM E . -20.42 -23.29 -5.71
C1B HEM E . -21.28 -15.85 -0.57
C2B HEM E . -20.61 -14.66 -0.15
C3B HEM E . -21.13 -14.31 1.03
C4B HEM E . -22.09 -15.29 1.40
CMB HEM E . -19.53 -13.96 -1.04
CAB HEM E . -20.87 -13.12 2.00
CBB HEM E . -20.40 -11.98 1.55
C1C HEM E . -23.78 -16.15 2.93
C2C HEM E . -24.61 -16.07 4.13
C3C HEM E . -25.37 -17.16 4.17
C4C HEM E . -25.07 -17.97 2.98
CMC HEM E . -24.56 -14.94 5.18
CAC HEM E . -26.35 -17.45 5.35
CBC HEM E . -27.36 -18.30 5.32
C1D HEM E . -25.48 -19.83 1.41
C2D HEM E . -26.11 -21.07 1.07
C3D HEM E . -25.67 -21.35 -0.34
C4D HEM E . -24.77 -20.32 -0.68
CMD HEM E . -27.13 -21.93 1.87
CAD HEM E . -26.08 -22.57 -1.19
CBD HEM E . -27.31 -22.12 -2.05
CGD HEM E . -27.78 -23.23 -2.96
O1D HEM E . -27.04 -24.25 -3.10
O2D HEM E . -28.91 -23.09 -3.53
NA HEM E . -22.67 -18.33 -1.41
NB HEM E . -22.15 -16.22 0.41
NC HEM E . -24.09 -17.31 2.27
ND HEM E . -24.66 -19.48 0.39
FE HEM E . -23.61 -17.63 0.26
S SO4 F . -27.16 -27.63 23.75
O1 SO4 F . -27.28 -27.92 22.31
O2 SO4 F . -28.34 -28.18 24.39
O3 SO4 F . -25.96 -28.34 24.24
O4 SO4 F . -27.08 -26.19 23.97
S SO4 G . -42.57 -25.04 4.48
O1 SO4 G . -42.78 -25.29 3.04
O2 SO4 G . -43.77 -24.43 5.09
O3 SO4 G . -42.34 -26.29 5.23
O4 SO4 G . -41.37 -24.20 4.64
O3 1D4 H . -18.61 -25.71 2.59
C12 1D4 H . -17.41 -26.29 2.06
C5 1D4 H . -16.19 -25.83 2.86
O2 1D4 H . -15.01 -26.65 2.58
C6 1D4 H . -15.19 -28.09 2.69
C7 1D4 H . -13.88 -28.83 2.46
C8 1D4 H . -16.33 -28.57 1.76
C9 1D4 H . -17.60 -27.80 2.16
N 1D4 H . -18.79 -28.15 1.35
C10 1D4 H . -19.15 -27.20 0.30
C11 1D4 H . -19.93 -28.09 2.26
O1 1D4 H . -15.88 -24.45 2.57
C4 1D4 H . -16.89 -23.38 2.58
C13 1D4 H . -17.66 -23.18 3.90
C14 1D4 H . -19.15 -23.39 3.73
C15 1D4 H . -19.82 -22.19 3.05
C16 1D4 H . -21.11 -22.60 2.32
C17 1D4 H . -21.42 -21.73 1.10
C18 1D4 H . -21.18 -20.25 1.32
C19 1D4 H . -20.02 -19.65 0.49
C20 1D4 H . -19.58 -20.49 -0.68
C21 1D4 H . -18.08 -20.60 -0.59
C1 1D4 H . -17.69 -21.74 0.33
C2 1D4 H . -16.32 -21.50 0.92
C3 1D4 H . -16.19 -22.05 2.33
#